data_6GN1
#
_entry.id   6GN1
#
_cell.length_a   67.630
_cell.length_b   119.500
_cell.length_c   67.480
_cell.angle_alpha   90.00
_cell.angle_beta   102.49
_cell.angle_gamma   90.00
#
_symmetry.space_group_name_H-M   'P 1 21 1'
#
loop_
_entity.id
_entity.type
_entity.pdbx_description
1 polymer 'Glycogen synthase kinase-3 beta'
2 non-polymer 'CHLORIDE ION'
3 non-polymer ~{N}-[(~{E})-(6-bromanylimidazo[1,2-a]pyridin-3-yl)methylideneamino]-~{N},2-dimethyl-5-nitro-benzenesulfonamide
4 water water
#
_entity_poly.entity_id   1
_entity_poly.type   'polypeptide(L)'
_entity_poly.pdbx_seq_one_letter_code
;GKVSRDKDGSKVTTVVATPGQGPDRPQEVSYTDTKVIGNGSFGVVYQAKLCDSGELVAIKKVLQDKRFKNRELQIMRKLD
HCNIVRLRYFFYSSGEKKDEVYLNLVLDYVPETVYRVARHYSRAKQTLPVIYVKLYMYQLFRSLAYIHSFGICHRDIKPQ
NLLLDPDTAVLKLCDFGSAKQLVRGEPNVS(PTR)ICSRYYRAPELIFGATDYTSSIDVWSAGCVLAELLLGQPIFPGDS
GVDQLVEIIKVLGTPTREQIREMNPNYTEFKFPQIKAHPWTKVFRPRTPPEAIALCSRLLEYTPTARLTPLEACAHSFFD
ELRDPNVKLPNGRDTPALFNFTTQELSSNPPLATILIPPHARIQAAASTPTN
;
_entity_poly.pdbx_strand_id   B,A
#
# COMPACT_ATOMS: atom_id res chain seq x y z
N LYS A 11 -24.11 5.30 -23.11
CA LYS A 11 -24.61 6.66 -22.94
C LYS A 11 -25.53 6.76 -21.72
N VAL A 12 -26.68 6.06 -21.75
CA VAL A 12 -27.60 5.97 -20.62
C VAL A 12 -27.60 4.54 -20.11
N THR A 13 -27.34 4.37 -18.82
CA THR A 13 -27.39 3.09 -18.13
C THR A 13 -28.63 3.07 -17.25
N THR A 14 -29.42 1.99 -17.31
CA THR A 14 -30.56 1.78 -16.41
C THR A 14 -30.36 0.47 -15.67
N VAL A 15 -30.54 0.50 -14.33
CA VAL A 15 -30.39 -0.68 -13.48
C VAL A 15 -31.59 -0.75 -12.54
N VAL A 16 -31.78 -1.91 -11.91
CA VAL A 16 -32.83 -2.06 -10.91
C VAL A 16 -32.14 -2.08 -9.54
N ALA A 17 -32.08 -0.92 -8.89
CA ALA A 17 -31.28 -0.73 -7.70
C ALA A 17 -32.13 -0.70 -6.44
N THR A 18 -31.55 -1.21 -5.37
CA THR A 18 -32.21 -1.31 -4.08
C THR A 18 -31.81 -0.13 -3.20
N PRO A 19 -32.74 0.60 -2.61
CA PRO A 19 -32.37 1.72 -1.72
C PRO A 19 -31.67 1.25 -0.46
N GLY A 20 -30.68 2.03 -0.01
CA GLY A 20 -29.91 1.67 1.17
C GLY A 20 -30.71 1.64 2.46
N GLN A 21 -31.52 2.68 2.68
CA GLN A 21 -32.53 2.71 3.74
C GLN A 21 -33.87 2.19 3.22
N GLY A 22 -34.83 2.03 4.13
CA GLY A 22 -36.10 1.41 3.81
C GLY A 22 -36.00 -0.10 3.64
N PRO A 23 -37.11 -0.75 3.30
CA PRO A 23 -37.08 -2.20 3.05
C PRO A 23 -36.63 -2.46 1.61
N ASP A 24 -36.39 -3.76 1.31
CA ASP A 24 -35.90 -4.15 -0.01
C ASP A 24 -36.99 -3.95 -1.07
N ARG A 25 -37.05 -2.76 -1.65
CA ARG A 25 -38.07 -2.41 -2.65
C ARG A 25 -37.36 -1.77 -3.85
N PRO A 26 -36.81 -2.58 -4.75
CA PRO A 26 -35.93 -2.01 -5.78
C PRO A 26 -36.64 -1.11 -6.78
N GLN A 27 -35.89 -0.12 -7.26
CA GLN A 27 -36.39 0.93 -8.15
C GLN A 27 -35.53 0.95 -9.40
N GLU A 28 -36.15 1.14 -10.56
CA GLU A 28 -35.39 1.45 -11.76
C GLU A 28 -34.69 2.78 -11.57
N VAL A 29 -33.38 2.80 -11.77
CA VAL A 29 -32.58 4.02 -11.69
C VAL A 29 -31.79 4.15 -12.97
N SER A 30 -31.77 5.35 -13.53
CA SER A 30 -31.02 5.61 -14.75
C SER A 30 -29.99 6.69 -14.48
N TYR A 31 -28.74 6.44 -14.88
CA TYR A 31 -27.68 7.44 -14.79
C TYR A 31 -26.97 7.59 -16.13
N THR A 32 -26.19 8.66 -16.24
CA THR A 32 -25.43 8.98 -17.46
C THR A 32 -24.14 9.69 -17.06
N ASP A 33 -23.37 10.12 -18.08
CA ASP A 33 -22.09 10.82 -17.90
C ASP A 33 -21.10 10.00 -17.06
N THR A 34 -21.02 8.70 -17.37
CA THR A 34 -20.24 7.75 -16.59
C THR A 34 -18.78 7.82 -17.01
N LYS A 35 -17.91 8.16 -16.05
CA LYS A 35 -16.46 8.19 -16.23
C LYS A 35 -15.79 7.64 -14.97
N VAL A 36 -14.60 7.09 -15.14
CA VAL A 36 -13.84 6.50 -14.02
C VAL A 36 -13.10 7.61 -13.31
N ILE A 37 -13.33 7.76 -12.01
CA ILE A 37 -12.62 8.75 -11.20
C ILE A 37 -11.67 8.12 -10.19
N GLY A 38 -11.67 6.80 -10.04
CA GLY A 38 -10.82 6.11 -9.09
C GLY A 38 -10.68 4.64 -9.43
N ASN A 39 -9.45 4.11 -9.34
CA ASN A 39 -9.25 2.67 -9.58
C ASN A 39 -8.09 2.18 -8.70
N GLY A 40 -8.42 1.72 -7.49
CA GLY A 40 -7.43 1.39 -6.47
C GLY A 40 -7.71 0.06 -5.79
N SER A 41 -7.21 -0.05 -4.54
CA SER A 41 -7.42 -1.21 -3.69
C SER A 41 -8.83 -1.23 -3.11
N PHE A 42 -9.41 -0.04 -2.96
CA PHE A 42 -10.83 0.13 -2.65
C PHE A 42 -11.74 -0.45 -3.72
N GLY A 43 -11.26 -0.68 -4.95
CA GLY A 43 -12.08 -1.15 -6.05
C GLY A 43 -12.04 -0.16 -7.20
N VAL A 44 -13.04 -0.15 -8.06
CA VAL A 44 -13.16 0.83 -9.15
C VAL A 44 -14.28 1.80 -8.79
N VAL A 45 -14.03 3.09 -8.95
CA VAL A 45 -15.02 4.12 -8.65
C VAL A 45 -15.27 5.02 -9.85
N TYR A 46 -16.54 5.19 -10.19
CA TYR A 46 -17.01 6.08 -11.24
C TYR A 46 -17.74 7.26 -10.64
N GLN A 47 -17.90 8.29 -11.46
CA GLN A 47 -18.84 9.36 -11.21
C GLN A 47 -19.96 9.26 -12.25
N ALA A 48 -21.17 9.66 -11.87
CA ALA A 48 -22.27 9.69 -12.83
C ALA A 48 -23.37 10.64 -12.37
N LYS A 49 -24.22 11.00 -13.32
CA LYS A 49 -25.33 11.91 -13.11
C LYS A 49 -26.64 11.11 -13.17
N LEU A 50 -27.43 11.18 -12.10
CA LEU A 50 -28.75 10.54 -12.08
C LEU A 50 -29.71 11.25 -13.02
N CYS A 51 -30.45 10.47 -13.83
CA CYS A 51 -31.27 11.04 -14.91
C CYS A 51 -32.50 11.82 -14.43
N ASP A 52 -33.10 11.43 -13.30
CA ASP A 52 -34.31 12.12 -12.86
C ASP A 52 -34.02 13.48 -12.21
N SER A 53 -32.99 13.55 -11.36
CA SER A 53 -32.69 14.77 -10.60
C SER A 53 -31.47 15.55 -11.10
N GLY A 54 -30.71 15.00 -12.04
CA GLY A 54 -29.44 15.58 -12.44
C GLY A 54 -28.36 15.55 -11.39
N GLU A 55 -28.57 14.81 -10.30
CA GLU A 55 -27.65 14.83 -9.17
C GLU A 55 -26.42 13.98 -9.46
N LEU A 56 -25.28 14.42 -8.95
CA LEU A 56 -24.05 13.67 -9.14
C LEU A 56 -23.96 12.59 -8.09
N VAL A 57 -23.57 11.38 -8.53
CA VAL A 57 -23.32 10.23 -7.68
C VAL A 57 -21.93 9.71 -7.98
N ALA A 58 -21.28 9.16 -6.96
CA ALA A 58 -20.14 8.27 -7.14
C ALA A 58 -20.64 6.83 -7.01
N ILE A 59 -20.13 5.96 -7.88
CA ILE A 59 -20.49 4.54 -7.88
C ILE A 59 -19.23 3.73 -7.58
N LYS A 60 -19.23 3.02 -6.46
CA LYS A 60 -18.11 2.16 -6.03
C LYS A 60 -18.42 0.70 -6.36
N LYS A 61 -17.52 0.05 -7.10
CA LYS A 61 -17.73 -1.28 -7.65
C LYS A 61 -16.64 -2.21 -7.16
N VAL A 62 -17.02 -3.29 -6.44
CA VAL A 62 -16.10 -4.28 -5.89
C VAL A 62 -16.56 -5.68 -6.29
N LEU A 63 -15.59 -6.59 -6.42
CA LEU A 63 -15.92 -8.00 -6.67
C LEU A 63 -16.59 -8.61 -5.45
N GLN A 64 -17.80 -9.18 -5.63
CA GLN A 64 -18.55 -9.78 -4.52
C GLN A 64 -19.08 -11.16 -4.92
N ASP A 65 -18.47 -12.22 -4.35
CA ASP A 65 -19.00 -13.57 -4.45
C ASP A 65 -20.16 -13.75 -3.47
N LYS A 66 -21.16 -14.55 -3.87
CA LYS A 66 -22.41 -14.68 -3.10
C LYS A 66 -22.29 -15.55 -1.85
N ARG A 67 -21.15 -16.25 -1.66
CA ARG A 67 -20.96 -17.13 -0.49
C ARG A 67 -21.09 -16.40 0.84
N PHE A 68 -20.71 -15.13 0.90
CA PHE A 68 -20.86 -14.30 2.09
C PHE A 68 -21.61 -13.03 1.69
N LYS A 69 -22.27 -12.44 2.67
CA LYS A 69 -22.82 -11.09 2.52
C LYS A 69 -21.69 -10.08 2.61
N ASN A 70 -21.76 -9.02 1.80
CA ASN A 70 -20.75 -7.97 1.81
C ASN A 70 -20.78 -7.19 3.11
N ARG A 71 -19.65 -7.16 3.83
CA ARG A 71 -19.59 -6.48 5.12
C ARG A 71 -19.80 -4.98 4.99
N GLU A 72 -19.16 -4.36 3.99
CA GLU A 72 -19.33 -2.93 3.75
C GLU A 72 -20.80 -2.58 3.50
N LEU A 73 -21.49 -3.37 2.67
CA LEU A 73 -22.90 -3.07 2.38
C LEU A 73 -23.75 -3.20 3.63
N GLN A 74 -23.58 -4.28 4.39
CA GLN A 74 -24.27 -4.44 5.66
C GLN A 74 -24.01 -3.27 6.61
N ILE A 75 -22.77 -2.76 6.66
CA ILE A 75 -22.47 -1.60 7.51
C ILE A 75 -23.09 -0.32 6.94
N MET A 76 -22.95 -0.09 5.63
CA MET A 76 -23.44 1.17 5.04
C MET A 76 -24.93 1.36 5.28
N ARG A 77 -25.72 0.30 5.07
CA ARG A 77 -27.17 0.37 5.15
C ARG A 77 -27.69 0.75 6.52
N LYS A 78 -26.91 0.54 7.59
CA LYS A 78 -27.28 1.03 8.92
C LYS A 78 -27.12 2.54 9.05
N LEU A 79 -26.15 3.12 8.37
CA LEU A 79 -25.66 4.46 8.71
C LEU A 79 -26.46 5.55 8.01
N ASP A 80 -26.85 6.57 8.80
CA ASP A 80 -27.56 7.75 8.33
C ASP A 80 -27.03 8.94 9.13
N HIS A 81 -26.02 9.62 8.58
CA HIS A 81 -25.37 10.72 9.29
C HIS A 81 -24.78 11.71 8.30
N CYS A 82 -24.91 13.00 8.62
CA CYS A 82 -24.58 14.08 7.68
C CYS A 82 -23.10 14.15 7.39
N ASN A 83 -22.25 13.76 8.35
CA ASN A 83 -20.81 13.68 8.16
C ASN A 83 -20.35 12.29 7.68
N ILE A 84 -21.24 11.48 7.11
CA ILE A 84 -20.89 10.22 6.49
C ILE A 84 -21.57 10.15 5.12
N VAL A 85 -20.82 9.71 4.10
CA VAL A 85 -21.38 9.60 2.75
C VAL A 85 -22.53 8.62 2.76
N ARG A 86 -23.65 9.03 2.16
CA ARG A 86 -24.88 8.24 2.18
C ARG A 86 -24.90 7.24 1.03
N LEU A 87 -25.23 5.99 1.35
CA LEU A 87 -25.55 5.00 0.33
C LEU A 87 -26.94 5.29 -0.19
N ARG A 88 -27.04 5.75 -1.44
CA ARG A 88 -28.35 6.01 -2.03
C ARG A 88 -29.01 4.71 -2.46
N TYR A 89 -28.33 3.96 -3.32
CA TYR A 89 -28.82 2.69 -3.84
C TYR A 89 -27.67 1.69 -3.88
N PHE A 90 -28.01 0.41 -4.08
CA PHE A 90 -27.02 -0.58 -4.51
C PHE A 90 -27.63 -1.52 -5.53
N PHE A 91 -26.76 -2.14 -6.35
CA PHE A 91 -27.17 -3.15 -7.33
C PHE A 91 -26.01 -4.08 -7.69
N TYR A 92 -26.33 -5.12 -8.47
CA TYR A 92 -25.38 -6.14 -8.90
C TYR A 92 -25.24 -6.11 -10.42
N SER A 93 -24.02 -6.40 -10.90
CA SER A 93 -23.71 -6.30 -12.32
C SER A 93 -22.68 -7.34 -12.74
N SER A 94 -22.67 -7.61 -14.06
CA SER A 94 -21.68 -8.35 -14.87
C SER A 94 -21.98 -9.84 -15.01
N GLU A 100 -18.77 -14.22 -12.43
CA GLU A 100 -18.00 -13.03 -12.06
C GLU A 100 -18.95 -11.84 -11.75
N VAL A 101 -19.20 -11.56 -10.46
CA VAL A 101 -20.29 -10.68 -10.02
C VAL A 101 -19.76 -9.53 -9.15
N TYR A 102 -20.08 -8.30 -9.54
CA TYR A 102 -19.65 -7.09 -8.83
C TYR A 102 -20.80 -6.43 -8.08
N LEU A 103 -20.51 -5.98 -6.86
CA LEU A 103 -21.42 -5.17 -6.06
C LEU A 103 -21.20 -3.70 -6.38
N ASN A 104 -22.30 -2.96 -6.56
CA ASN A 104 -22.25 -1.54 -6.94
C ASN A 104 -22.95 -0.70 -5.87
N LEU A 105 -22.19 0.16 -5.21
CA LEU A 105 -22.73 1.09 -4.22
C LEU A 105 -22.88 2.46 -4.89
N VAL A 106 -24.10 2.98 -4.94
CA VAL A 106 -24.34 4.33 -5.48
C VAL A 106 -24.35 5.29 -4.31
N LEU A 107 -23.44 6.26 -4.34
CA LEU A 107 -23.18 7.10 -3.17
C LEU A 107 -23.27 8.57 -3.54
N ASP A 108 -23.50 9.40 -2.54
CA ASP A 108 -23.48 10.83 -2.77
C ASP A 108 -22.08 11.25 -3.19
N TYR A 109 -22.00 12.04 -4.25
CA TYR A 109 -20.73 12.54 -4.74
C TYR A 109 -20.24 13.67 -3.85
N VAL A 110 -18.93 13.67 -3.59
CA VAL A 110 -18.30 14.74 -2.83
C VAL A 110 -17.06 15.15 -3.62
N PRO A 111 -16.85 16.44 -3.88
CA PRO A 111 -15.87 16.84 -4.90
C PRO A 111 -14.40 16.87 -4.47
N GLU A 112 -14.07 16.90 -3.19
CA GLU A 112 -12.69 17.04 -2.74
C GLU A 112 -12.39 16.05 -1.61
N THR A 113 -11.11 16.02 -1.22
CA THR A 113 -10.65 15.25 -0.07
C THR A 113 -9.71 16.11 0.77
N VAL A 114 -9.58 15.74 2.05
CA VAL A 114 -8.60 16.37 2.92
C VAL A 114 -7.18 16.13 2.42
N TYR A 115 -6.92 14.93 1.90
CA TYR A 115 -5.61 14.62 1.27
C TYR A 115 -5.25 15.64 0.22
N ARG A 116 -6.15 15.89 -0.74
CA ARG A 116 -5.84 16.82 -1.84
C ARG A 116 -5.74 18.26 -1.37
N VAL A 117 -6.61 18.67 -0.44
CA VAL A 117 -6.60 20.03 0.09
C VAL A 117 -5.30 20.30 0.84
N ALA A 118 -4.97 19.43 1.79
CA ALA A 118 -3.74 19.58 2.57
C ALA A 118 -2.55 19.72 1.65
N ARG A 119 -2.57 19.00 0.52
CA ARG A 119 -1.48 18.98 -0.43
C ARG A 119 -1.35 20.27 -1.24
N HIS A 120 -2.47 20.89 -1.61
CA HIS A 120 -2.38 22.21 -2.23
C HIS A 120 -1.59 23.16 -1.35
N TYR A 121 -2.03 23.29 -0.10
CA TYR A 121 -1.39 24.17 0.87
C TYR A 121 0.09 23.85 1.03
N SER A 122 0.41 22.57 1.19
CA SER A 122 1.79 22.15 1.41
C SER A 122 2.69 22.48 0.22
N ARG A 123 2.27 22.10 -1.00
CA ARG A 123 3.07 22.40 -2.19
C ARG A 123 3.14 23.90 -2.50
N ALA A 124 2.19 24.70 -2.00
CA ALA A 124 2.25 26.14 -2.05
C ALA A 124 3.00 26.73 -0.85
N LYS A 125 3.60 25.89 0.00
CA LYS A 125 4.34 26.32 1.19
C LYS A 125 3.48 27.20 2.11
N GLN A 126 2.22 26.81 2.23
CA GLN A 126 1.20 27.58 2.96
C GLN A 126 0.57 26.68 4.02
N THR A 127 0.13 27.31 5.12
CA THR A 127 -0.56 26.59 6.19
C THR A 127 -2.07 26.53 5.90
N LEU A 128 -2.68 25.38 6.16
CA LEU A 128 -4.15 25.27 6.07
C LEU A 128 -4.75 26.01 7.27
N PRO A 129 -5.58 27.04 7.06
CA PRO A 129 -6.04 27.86 8.20
C PRO A 129 -6.73 27.07 9.30
N VAL A 130 -6.35 27.41 10.55
CA VAL A 130 -6.85 26.75 11.74
C VAL A 130 -8.38 26.64 11.77
N ILE A 131 -9.09 27.60 11.16
CA ILE A 131 -10.55 27.49 11.07
C ILE A 131 -10.95 26.23 10.30
N TYR A 132 -10.26 25.93 9.19
CA TYR A 132 -10.56 24.71 8.45
C TYR A 132 -10.11 23.46 9.19
N VAL A 133 -9.01 23.54 9.94
CA VAL A 133 -8.58 22.42 10.79
C VAL A 133 -9.67 22.06 11.77
N LYS A 134 -10.30 23.08 12.37
CA LYS A 134 -11.36 22.87 13.36
C LYS A 134 -12.60 22.26 12.75
N LEU A 135 -13.12 22.89 11.68
CA LEU A 135 -14.30 22.41 10.99
C LEU A 135 -14.18 20.95 10.59
N TYR A 136 -13.10 20.65 9.88
CA TYR A 136 -12.92 19.31 9.32
C TYR A 136 -12.75 18.27 10.42
N MET A 137 -11.98 18.59 11.47
CA MET A 137 -11.72 17.60 12.52
C MET A 137 -12.92 17.38 13.43
N TYR A 138 -13.60 18.45 13.83
CA TYR A 138 -14.85 18.32 14.56
C TYR A 138 -15.82 17.39 13.84
N GLN A 139 -16.00 17.60 12.54
CA GLN A 139 -16.90 16.77 11.75
C GLN A 139 -16.42 15.33 11.69
N LEU A 140 -15.10 15.12 11.64
CA LEU A 140 -14.57 13.77 11.71
C LEU A 140 -14.93 13.12 13.04
N PHE A 141 -14.61 13.79 14.15
CA PHE A 141 -14.91 13.17 15.44
C PHE A 141 -16.39 12.87 15.56
N ARG A 142 -17.26 13.78 15.11
CA ARG A 142 -18.70 13.54 15.14
C ARG A 142 -19.07 12.27 14.38
N SER A 143 -18.50 12.07 13.20
CA SER A 143 -18.78 10.85 12.43
C SER A 143 -18.30 9.61 13.17
N LEU A 144 -17.19 9.72 13.91
CA LEU A 144 -16.70 8.62 14.73
C LEU A 144 -17.60 8.33 15.93
N ALA A 145 -18.06 9.36 16.64
CA ALA A 145 -18.99 9.13 17.74
C ALA A 145 -20.20 8.33 17.28
N TYR A 146 -20.77 8.73 16.14
CA TYR A 146 -21.93 8.04 15.56
C TYR A 146 -21.65 6.56 15.29
N ILE A 147 -20.59 6.24 14.51
CA ILE A 147 -20.37 4.83 14.18
C ILE A 147 -19.90 4.04 15.41
N HIS A 148 -19.05 4.62 16.26
CA HIS A 148 -18.62 3.93 17.48
C HIS A 148 -19.81 3.61 18.40
N SER A 149 -20.83 4.47 18.45
CA SER A 149 -22.02 4.16 19.25
C SER A 149 -22.68 2.84 18.83
N PHE A 150 -22.48 2.40 17.57
CA PHE A 150 -22.93 1.08 17.10
C PHE A 150 -21.87 -0.01 17.23
N GLY A 151 -20.71 0.29 17.80
CA GLY A 151 -19.59 -0.64 17.81
C GLY A 151 -18.91 -0.85 16.48
N ILE A 152 -19.12 0.04 15.51
CA ILE A 152 -18.45 -0.04 14.21
C ILE A 152 -17.17 0.78 14.27
N CYS A 153 -16.05 0.10 14.16
CA CYS A 153 -14.75 0.72 14.01
C CYS A 153 -14.40 0.80 12.53
N HIS A 154 -13.95 1.98 12.07
CA HIS A 154 -13.65 2.22 10.66
C HIS A 154 -12.35 1.56 10.21
N ARG A 155 -11.29 1.65 11.03
CA ARG A 155 -9.98 1.00 10.84
C ARG A 155 -9.20 1.44 9.60
N ASP A 156 -9.46 2.64 9.06
CA ASP A 156 -8.71 3.18 7.92
C ASP A 156 -9.00 4.67 7.84
N ILE A 157 -8.87 5.33 8.98
CA ILE A 157 -9.02 6.78 9.08
C ILE A 157 -7.71 7.41 8.58
N LYS A 158 -7.81 8.14 7.47
CA LYS A 158 -6.67 8.78 6.82
C LYS A 158 -7.19 9.86 5.89
N PRO A 159 -6.35 10.83 5.52
CA PRO A 159 -6.84 11.98 4.72
C PRO A 159 -7.57 11.65 3.42
N GLN A 160 -7.28 10.52 2.79
CA GLN A 160 -7.93 10.16 1.53
C GLN A 160 -9.40 9.80 1.72
N ASN A 161 -9.78 9.39 2.92
CA ASN A 161 -11.12 8.91 3.21
C ASN A 161 -11.99 10.00 3.82
N LEU A 162 -11.49 11.23 3.91
CA LEU A 162 -12.21 12.39 4.43
C LEU A 162 -12.56 13.29 3.24
N LEU A 163 -13.80 13.20 2.77
CA LEU A 163 -14.27 13.95 1.61
C LEU A 163 -14.80 15.33 2.02
N LEU A 164 -14.55 16.35 1.16
CA LEU A 164 -14.92 17.73 1.41
C LEU A 164 -15.73 18.33 0.27
N ASP A 165 -16.69 19.17 0.64
CA ASP A 165 -17.17 20.21 -0.25
C ASP A 165 -16.47 21.48 0.19
N PRO A 166 -15.63 22.10 -0.64
CA PRO A 166 -14.84 23.25 -0.16
C PRO A 166 -15.64 24.52 -0.03
N ASP A 167 -16.81 24.61 -0.68
CA ASP A 167 -17.69 25.76 -0.60
C ASP A 167 -18.52 25.78 0.68
N THR A 168 -19.00 24.61 1.12
CA THR A 168 -19.77 24.50 2.35
C THR A 168 -18.95 24.09 3.55
N ALA A 169 -17.70 23.67 3.35
CA ALA A 169 -16.80 23.16 4.39
C ALA A 169 -17.31 21.87 5.06
N VAL A 170 -18.21 21.14 4.40
CA VAL A 170 -18.78 19.91 4.97
C VAL A 170 -17.79 18.78 4.77
N LEU A 171 -17.56 18.00 5.82
CA LEU A 171 -16.72 16.81 5.72
C LEU A 171 -17.60 15.57 5.78
N LYS A 172 -17.26 14.55 4.98
CA LYS A 172 -17.97 13.28 4.95
C LYS A 172 -16.99 12.11 4.95
N LEU A 173 -17.01 11.31 6.01
CA LEU A 173 -16.24 10.07 6.10
C LEU A 173 -16.73 9.09 5.05
N CYS A 174 -15.79 8.40 4.37
CA CYS A 174 -16.17 7.43 3.35
C CYS A 174 -15.35 6.14 3.51
N ASP A 175 -15.63 5.18 2.64
CA ASP A 175 -14.98 3.87 2.58
C ASP A 175 -15.13 3.09 3.86
N PHE A 176 -16.21 2.30 3.97
CA PHE A 176 -16.33 1.35 5.05
C PHE A 176 -15.93 -0.06 4.63
N GLY A 177 -15.00 -0.18 3.69
CA GLY A 177 -14.48 -1.46 3.22
C GLY A 177 -13.50 -2.14 4.16
N SER A 178 -13.02 -1.46 5.19
CA SER A 178 -12.22 -2.04 6.24
C SER A 178 -12.97 -2.12 7.56
N ALA A 179 -14.21 -1.64 7.59
CA ALA A 179 -14.91 -1.44 8.84
C ALA A 179 -15.35 -2.77 9.42
N LYS A 180 -15.37 -2.83 10.74
CA LYS A 180 -15.81 -4.03 11.44
C LYS A 180 -16.47 -3.66 12.76
N GLN A 181 -17.55 -4.36 13.09
CA GLN A 181 -18.13 -4.29 14.41
C GLN A 181 -17.25 -5.09 15.38
N LEU A 182 -16.46 -4.38 16.20
CA LEU A 182 -15.59 -5.02 17.18
C LEU A 182 -16.40 -5.50 18.37
N VAL A 183 -16.22 -6.76 18.78
CA VAL A 183 -16.82 -7.25 20.00
C VAL A 183 -15.74 -7.93 20.86
N ARG A 184 -15.69 -7.56 22.15
CA ARG A 184 -14.67 -8.09 23.05
C ARG A 184 -14.75 -9.60 23.10
N GLY A 185 -13.59 -10.26 23.13
CA GLY A 185 -13.50 -11.70 23.06
C GLY A 185 -13.16 -12.23 21.68
N GLU A 186 -13.74 -11.61 20.65
CA GLU A 186 -13.48 -11.98 19.26
C GLU A 186 -12.29 -11.17 18.76
N PRO A 187 -11.15 -11.84 18.57
CA PRO A 187 -9.91 -11.13 18.24
C PRO A 187 -9.91 -10.67 16.80
N ASN A 188 -9.09 -9.65 16.53
CA ASN A 188 -8.96 -9.14 15.18
C ASN A 188 -7.50 -8.95 14.78
N VAL A 189 -7.33 -8.75 13.48
CA VAL A 189 -6.03 -8.66 12.83
C VAL A 189 -5.30 -7.39 13.21
N SER A 190 -4.00 -7.50 13.47
CA SER A 190 -3.21 -6.31 13.82
C SER A 190 -2.74 -5.36 12.69
N ILE A 192 -3.79 -3.26 10.08
CA ILE A 192 -5.05 -2.81 9.46
C ILE A 192 -5.25 -1.35 8.97
N CYS A 193 -4.42 -0.40 9.35
CA CYS A 193 -4.62 0.95 8.85
C CYS A 193 -3.54 1.33 7.83
N SER A 194 -3.64 2.55 7.34
CA SER A 194 -2.55 3.11 6.56
C SER A 194 -1.39 3.31 7.50
N ARG A 195 -0.18 2.91 7.09
CA ARG A 195 0.94 2.86 8.03
C ARG A 195 1.01 4.11 8.90
N TYR A 196 0.99 5.30 8.28
CA TYR A 196 1.25 6.54 9.00
C TYR A 196 0.23 6.82 10.09
N TYR A 197 -0.99 6.31 9.93
CA TYR A 197 -2.11 6.60 10.81
C TYR A 197 -2.40 5.43 11.76
N ARG A 198 -1.50 4.44 11.81
CA ARG A 198 -1.71 3.21 12.54
C ARG A 198 -1.38 3.37 14.02
N ALA A 199 -2.31 2.95 14.88
CA ALA A 199 -2.14 3.08 16.31
C ALA A 199 -1.01 2.20 16.82
N PRO A 200 -0.29 2.64 17.86
CA PRO A 200 0.84 1.83 18.34
C PRO A 200 0.46 0.45 18.85
N GLU A 201 -0.73 0.25 19.44
CA GLU A 201 -1.14 -1.10 19.83
C GLU A 201 -1.16 -2.04 18.65
N LEU A 202 -1.59 -1.53 17.49
CA LEU A 202 -1.61 -2.35 16.28
C LEU A 202 -0.20 -2.77 15.87
N ILE A 203 0.73 -1.80 15.80
CA ILE A 203 2.15 -2.10 15.53
C ILE A 203 2.65 -3.17 16.48
N PHE A 204 2.34 -3.03 17.77
CA PHE A 204 2.71 -4.01 18.81
C PHE A 204 1.93 -5.33 18.71
N GLY A 205 1.06 -5.49 17.73
CA GLY A 205 0.43 -6.79 17.50
C GLY A 205 -0.71 -7.11 18.42
N ALA A 206 -1.42 -6.09 18.90
CA ALA A 206 -2.66 -6.29 19.64
C ALA A 206 -3.71 -6.86 18.71
N THR A 207 -4.38 -7.92 19.15
CA THR A 207 -5.55 -8.45 18.48
C THR A 207 -6.82 -8.11 19.23
N ASP A 208 -6.69 -7.46 20.39
CA ASP A 208 -7.78 -7.18 21.32
C ASP A 208 -8.15 -5.71 21.33
N TYR A 209 -7.85 -5.00 20.25
CA TYR A 209 -7.95 -3.54 20.17
C TYR A 209 -9.40 -3.06 20.07
N THR A 210 -9.59 -1.78 20.41
CA THR A 210 -10.88 -1.11 20.47
C THR A 210 -11.00 -0.06 19.36
N SER A 211 -12.15 0.62 19.35
CA SER A 211 -12.39 1.78 18.49
C SER A 211 -11.42 2.95 18.70
N SER A 212 -10.65 2.96 19.80
CA SER A 212 -9.67 4.03 20.02
C SER A 212 -8.58 4.07 18.94
N ILE A 213 -8.40 3.01 18.16
CA ILE A 213 -7.50 3.07 17.02
C ILE A 213 -7.93 4.16 16.03
N ASP A 214 -9.24 4.39 15.87
CA ASP A 214 -9.70 5.47 15.01
C ASP A 214 -9.34 6.84 15.59
N VAL A 215 -9.38 6.97 16.91
CA VAL A 215 -9.02 8.21 17.58
C VAL A 215 -7.52 8.51 17.43
N TRP A 216 -6.67 7.48 17.51
CA TRP A 216 -5.25 7.70 17.20
C TRP A 216 -5.10 8.22 15.78
N SER A 217 -5.78 7.58 14.83
CA SER A 217 -5.75 8.01 13.44
C SER A 217 -6.24 9.43 13.27
N ALA A 218 -7.36 9.77 13.91
CA ALA A 218 -7.82 11.15 13.92
C ALA A 218 -6.72 12.11 14.39
N GLY A 219 -6.06 11.80 15.51
CA GLY A 219 -4.97 12.64 15.98
C GLY A 219 -3.87 12.86 14.95
N CYS A 220 -3.45 11.77 14.28
CA CYS A 220 -2.44 11.86 13.25
C CYS A 220 -2.87 12.75 12.10
N VAL A 221 -4.18 12.80 11.81
CA VAL A 221 -4.68 13.73 10.79
C VAL A 221 -4.62 15.15 11.32
N LEU A 222 -5.10 15.36 12.54
CA LEU A 222 -5.03 16.67 13.17
C LEU A 222 -3.62 17.23 13.14
N ALA A 223 -2.64 16.46 13.65
CA ALA A 223 -1.26 16.93 13.69
C ALA A 223 -0.74 17.23 12.29
N GLU A 224 -1.05 16.35 11.34
CA GLU A 224 -0.62 16.52 9.96
C GLU A 224 -1.13 17.83 9.37
N LEU A 225 -2.37 18.23 9.69
CA LEU A 225 -2.91 19.47 9.16
C LEU A 225 -2.25 20.70 9.79
N LEU A 226 -1.84 20.61 11.06
CA LEU A 226 -1.09 21.68 11.72
C LEU A 226 0.36 21.76 11.21
N LEU A 227 1.01 20.61 11.00
CA LEU A 227 2.41 20.57 10.58
C LEU A 227 2.62 20.80 9.09
N GLY A 228 1.61 20.53 8.27
CA GLY A 228 1.81 20.56 6.83
C GLY A 228 2.36 19.27 6.25
N GLN A 229 2.58 18.25 7.07
CA GLN A 229 3.16 16.98 6.64
C GLN A 229 2.88 15.92 7.71
N PRO A 230 2.89 14.64 7.34
CA PRO A 230 2.58 13.59 8.32
C PRO A 230 3.55 13.60 9.50
N ILE A 231 3.00 13.43 10.71
CA ILE A 231 3.82 13.46 11.92
C ILE A 231 4.66 12.19 12.08
N PHE A 232 4.16 11.02 11.66
CA PHE A 232 4.89 9.76 11.78
C PHE A 232 5.07 9.11 10.40
N PRO A 233 5.99 9.65 9.55
CA PRO A 233 6.19 9.12 8.19
C PRO A 233 7.12 7.91 8.22
N GLY A 234 6.56 6.78 8.60
CA GLY A 234 7.34 5.57 8.80
C GLY A 234 7.85 4.99 7.49
N ASP A 235 9.14 4.64 7.50
CA ASP A 235 9.80 4.05 6.32
C ASP A 235 9.30 2.64 6.06
N SER A 236 8.91 1.93 7.11
CA SER A 236 8.45 0.54 7.05
C SER A 236 7.52 0.31 8.24
N GLY A 237 6.92 -0.89 8.25
CA GLY A 237 6.08 -1.26 9.38
C GLY A 237 6.77 -1.11 10.74
N VAL A 238 8.09 -1.40 10.78
CA VAL A 238 8.88 -1.34 12.03
C VAL A 238 9.38 0.09 12.30
N ASP A 239 9.76 0.83 11.25
CA ASP A 239 10.19 2.20 11.45
C ASP A 239 9.02 3.10 11.86
N GLN A 240 7.78 2.69 11.57
CA GLN A 240 6.62 3.45 12.03
C GLN A 240 6.64 3.64 13.54
N LEU A 241 7.11 2.65 14.29
CA LEU A 241 7.23 2.84 15.73
C LEU A 241 8.42 3.72 16.08
N VAL A 242 9.55 3.61 15.35
CA VAL A 242 10.69 4.47 15.68
C VAL A 242 10.28 5.94 15.56
N GLU A 243 9.41 6.27 14.59
CA GLU A 243 8.94 7.63 14.40
C GLU A 243 8.02 8.10 15.52
N ILE A 244 7.20 7.20 16.05
CA ILE A 244 6.36 7.53 17.19
C ILE A 244 7.20 7.74 18.44
N ILE A 245 8.25 6.92 18.62
CA ILE A 245 9.13 7.06 19.79
C ILE A 245 9.77 8.43 19.84
N LYS A 246 10.15 8.97 18.67
CA LYS A 246 10.79 10.29 18.59
C LYS A 246 9.98 11.35 19.31
N VAL A 247 8.67 11.40 19.07
CA VAL A 247 7.81 12.39 19.69
C VAL A 247 7.46 11.95 21.11
N LEU A 248 6.72 10.86 21.24
CA LEU A 248 6.16 10.45 22.53
C LEU A 248 7.19 9.89 23.51
N GLY A 249 8.36 9.50 23.03
CA GLY A 249 9.31 8.78 23.87
C GLY A 249 9.05 7.28 23.82
N THR A 250 9.93 6.55 24.48
CA THR A 250 9.74 5.11 24.59
C THR A 250 8.58 4.79 25.51
N PRO A 251 7.67 3.89 25.13
CA PRO A 251 6.54 3.56 26.02
C PRO A 251 7.02 2.77 27.22
N THR A 252 6.43 3.05 28.37
CA THR A 252 6.78 2.33 29.59
C THR A 252 6.28 0.89 29.53
N ARG A 253 6.83 0.04 30.43
CA ARG A 253 6.29 -1.31 30.61
C ARG A 253 4.80 -1.26 30.86
N GLU A 254 4.37 -0.29 31.66
CA GLU A 254 2.96 -0.09 31.98
C GLU A 254 2.15 0.22 30.73
N GLN A 255 2.66 1.13 29.88
CA GLN A 255 1.98 1.49 28.63
C GLN A 255 1.97 0.34 27.63
N ILE A 256 3.09 -0.40 27.51
CA ILE A 256 3.17 -1.51 26.57
C ILE A 256 2.18 -2.61 26.94
N ARG A 257 2.01 -2.86 28.24
CA ARG A 257 1.04 -3.85 28.67
C ARG A 257 -0.37 -3.47 28.23
N GLU A 258 -0.72 -2.19 28.33
CA GLU A 258 -2.07 -1.73 28.00
C GLU A 258 -2.33 -1.78 26.49
N MET A 259 -1.29 -1.57 25.67
CA MET A 259 -1.46 -1.66 24.22
C MET A 259 -1.65 -3.10 23.78
N ASN A 260 -0.83 -4.00 24.30
CA ASN A 260 -0.88 -5.43 23.98
C ASN A 260 -0.40 -6.21 25.22
N PRO A 261 -1.32 -6.81 25.98
CA PRO A 261 -0.91 -7.64 27.14
C PRO A 261 0.02 -8.82 26.83
N ASN A 262 -0.05 -9.42 25.64
CA ASN A 262 0.80 -10.57 25.30
C ASN A 262 2.25 -10.16 25.07
N TYR A 263 2.50 -8.91 24.66
CA TYR A 263 3.83 -8.44 24.31
C TYR A 263 4.71 -8.33 25.54
N THR A 264 5.35 -9.44 25.93
CA THR A 264 6.16 -9.49 27.15
C THR A 264 7.63 -9.26 26.84
N GLU A 265 8.29 -8.49 27.71
CA GLU A 265 9.75 -8.37 27.74
C GLU A 265 10.25 -8.14 29.17
N PRO A 269 16.02 0.32 26.03
CA PRO A 269 15.89 0.84 24.66
C PRO A 269 15.53 2.35 24.59
N GLN A 270 15.82 3.10 25.64
CA GLN A 270 15.23 4.40 25.88
C GLN A 270 15.54 5.50 24.88
N ILE A 271 14.53 6.36 24.70
CA ILE A 271 14.57 7.63 24.00
C ILE A 271 13.57 8.53 24.73
N LYS A 272 13.96 9.76 25.07
CA LYS A 272 13.11 10.67 25.83
C LYS A 272 12.03 11.33 24.98
N ALA A 273 10.91 11.67 25.63
CA ALA A 273 9.82 12.37 24.98
C ALA A 273 10.24 13.78 24.60
N HIS A 274 9.96 14.15 23.35
CA HIS A 274 10.19 15.49 22.83
C HIS A 274 8.95 16.34 23.10
N PRO A 275 9.06 17.45 23.85
CA PRO A 275 7.85 18.18 24.31
C PRO A 275 6.88 18.56 23.20
N TRP A 276 5.58 18.52 23.54
CA TRP A 276 4.52 18.70 22.53
C TRP A 276 4.51 20.08 21.89
N THR A 277 4.89 21.13 22.63
CA THR A 277 4.94 22.46 22.04
C THR A 277 5.97 22.53 20.93
N LYS A 278 7.18 21.99 21.17
CA LYS A 278 8.28 22.05 20.21
C LYS A 278 8.11 21.12 19.00
N VAL A 279 7.07 20.28 18.96
CA VAL A 279 6.77 19.52 17.75
C VAL A 279 6.27 20.42 16.64
N PHE A 280 5.35 21.33 16.97
CA PHE A 280 4.68 22.18 15.99
C PHE A 280 5.38 23.55 15.85
N ARG A 281 4.90 24.33 14.88
CA ARG A 281 5.39 25.68 14.67
C ARG A 281 5.08 26.57 15.86
N PRO A 282 5.88 27.63 16.09
CA PRO A 282 5.58 28.59 17.19
C PRO A 282 4.15 29.14 17.19
N ARG A 283 3.58 29.37 16.00
CA ARG A 283 2.24 29.93 15.78
C ARG A 283 1.10 29.09 16.36
N THR A 284 1.30 27.78 16.57
CA THR A 284 0.20 26.83 16.76
C THR A 284 -0.59 27.07 18.05
N PRO A 285 -1.91 27.19 17.98
CA PRO A 285 -2.73 27.41 19.18
C PRO A 285 -2.50 26.35 20.26
N PRO A 286 -2.22 26.78 21.49
CA PRO A 286 -2.02 25.78 22.58
C PRO A 286 -3.13 24.76 22.69
N GLU A 287 -4.38 25.20 22.53
CA GLU A 287 -5.52 24.29 22.57
C GLU A 287 -5.45 23.19 21.51
N ALA A 288 -4.92 23.51 20.32
CA ALA A 288 -4.69 22.48 19.31
C ALA A 288 -3.68 21.45 19.81
N ILE A 289 -2.59 21.94 20.40
CA ILE A 289 -1.53 21.10 20.96
C ILE A 289 -2.08 20.21 22.07
N ALA A 290 -2.87 20.79 22.98
CA ALA A 290 -3.47 20.03 24.07
C ALA A 290 -4.33 18.89 23.54
N LEU A 291 -5.04 19.15 22.44
CA LEU A 291 -5.89 18.12 21.83
C LEU A 291 -5.06 16.96 21.28
N CYS A 292 -3.98 17.26 20.55
CA CYS A 292 -3.06 16.23 20.08
C CYS A 292 -2.58 15.31 21.20
N SER A 293 -2.20 15.89 22.35
CA SER A 293 -1.66 15.09 23.44
C SER A 293 -2.71 14.18 24.06
N ARG A 294 -3.98 14.55 23.99
CA ARG A 294 -5.05 13.73 24.56
C ARG A 294 -5.61 12.73 23.57
N LEU A 295 -5.17 12.76 22.31
CA LEU A 295 -5.50 11.80 21.28
C LEU A 295 -4.37 10.82 21.01
N LEU A 296 -3.15 11.34 20.85
CA LEU A 296 -1.97 10.53 20.55
C LEU A 296 -1.27 10.10 21.84
N GLU A 297 -2.01 9.39 22.69
CA GLU A 297 -1.47 8.72 23.88
C GLU A 297 -1.11 7.28 23.52
N TYR A 298 -0.12 6.71 24.25
CA TYR A 298 0.18 5.29 24.07
C TYR A 298 -0.92 4.40 24.62
N THR A 299 -1.40 4.66 25.84
CA THR A 299 -2.38 3.75 26.45
C THR A 299 -3.75 4.02 25.82
N PRO A 300 -4.34 3.04 25.11
CA PRO A 300 -5.57 3.29 24.31
C PRO A 300 -6.73 3.91 25.08
N THR A 301 -6.98 3.45 26.31
CA THR A 301 -8.09 3.89 27.15
C THR A 301 -7.91 5.32 27.67
N ALA A 302 -6.71 5.88 27.58
CA ALA A 302 -6.49 7.26 28.03
C ALA A 302 -6.90 8.28 26.98
N ARG A 303 -6.93 7.87 25.70
CA ARG A 303 -7.27 8.76 24.60
C ARG A 303 -8.69 9.27 24.75
N LEU A 304 -8.92 10.49 24.26
CA LEU A 304 -10.27 11.02 24.28
C LEU A 304 -11.20 10.12 23.47
N THR A 305 -12.47 10.14 23.85
CA THR A 305 -13.53 9.59 23.01
C THR A 305 -13.88 10.62 21.95
N PRO A 306 -14.43 10.18 20.80
CA PRO A 306 -14.86 11.14 19.75
C PRO A 306 -15.77 12.27 20.22
N LEU A 307 -16.64 12.01 21.19
CA LEU A 307 -17.51 13.06 21.72
C LEU A 307 -16.73 14.00 22.64
N GLU A 308 -15.93 13.45 23.55
CA GLU A 308 -15.03 14.27 24.35
C GLU A 308 -14.17 15.17 23.48
N ALA A 309 -13.65 14.62 22.38
CA ALA A 309 -12.87 15.40 21.43
C ALA A 309 -13.69 16.54 20.84
N CYS A 310 -14.91 16.25 20.39
CA CYS A 310 -15.80 17.29 19.86
C CYS A 310 -16.02 18.41 20.87
N ALA A 311 -16.07 18.07 22.15
CA ALA A 311 -16.27 19.05 23.21
C ALA A 311 -14.97 19.68 23.71
N HIS A 312 -13.84 19.40 23.08
CA HIS A 312 -12.56 19.98 23.48
C HIS A 312 -12.50 21.46 23.12
N SER A 313 -11.81 22.27 23.94
CA SER A 313 -11.89 23.72 23.83
C SER A 313 -11.30 24.24 22.51
N PHE A 314 -10.38 23.49 21.90
CA PHE A 314 -9.95 23.76 20.53
C PHE A 314 -11.10 24.06 19.58
N PHE A 315 -12.24 23.40 19.74
CA PHE A 315 -13.40 23.64 18.88
C PHE A 315 -14.35 24.70 19.41
N ASP A 316 -13.94 25.52 20.39
CA ASP A 316 -14.85 26.54 20.91
C ASP A 316 -15.24 27.57 19.86
N GLU A 317 -14.32 27.92 18.96
CA GLU A 317 -14.63 28.87 17.89
C GLU A 317 -15.80 28.41 17.03
N LEU A 318 -15.93 27.10 16.83
CA LEU A 318 -17.07 26.59 16.07
C LEU A 318 -18.40 26.77 16.81
N ARG A 319 -18.38 26.89 18.13
CA ARG A 319 -19.59 27.15 18.92
C ARG A 319 -19.88 28.63 19.12
N ASP A 320 -18.95 29.51 18.73
CA ASP A 320 -19.20 30.95 18.71
C ASP A 320 -20.40 31.28 17.81
N PRO A 321 -21.36 32.09 18.28
CA PRO A 321 -22.48 32.49 17.40
C PRO A 321 -22.05 33.30 16.19
N ASN A 322 -20.99 34.11 16.31
CA ASN A 322 -20.54 35.00 15.24
C ASN A 322 -19.73 34.31 14.15
N VAL A 323 -19.25 33.08 14.38
CA VAL A 323 -18.34 32.43 13.45
C VAL A 323 -18.97 32.27 12.07
N LYS A 324 -18.14 32.46 11.04
CA LYS A 324 -18.52 32.22 9.66
C LYS A 324 -17.35 31.59 8.93
N LEU A 325 -17.60 31.19 7.67
CA LEU A 325 -16.55 30.72 6.80
C LEU A 325 -15.83 31.88 6.13
N PRO A 326 -14.54 31.71 5.80
CA PRO A 326 -13.81 32.77 5.08
C PRO A 326 -14.44 33.22 3.77
N ASN A 327 -15.20 32.35 3.08
CA ASN A 327 -15.91 32.73 1.86
C ASN A 327 -17.20 33.49 2.13
N GLY A 328 -17.55 33.71 3.40
CA GLY A 328 -18.67 34.55 3.78
C GLY A 328 -19.90 33.78 4.24
N ARG A 329 -20.04 32.53 3.85
CA ARG A 329 -21.19 31.69 4.16
C ARG A 329 -21.16 31.28 5.65
N ASP A 330 -22.29 30.74 6.13
CA ASP A 330 -22.37 30.25 7.51
C ASP A 330 -21.70 28.88 7.63
N THR A 331 -21.37 28.49 8.87
CA THR A 331 -20.79 27.17 9.10
C THR A 331 -21.83 26.10 8.80
N PRO A 332 -21.40 24.88 8.48
CA PRO A 332 -22.39 23.80 8.30
C PRO A 332 -23.09 23.43 9.59
N ALA A 333 -23.96 22.42 9.51
CA ALA A 333 -24.67 21.90 10.67
C ALA A 333 -23.70 21.17 11.58
N LEU A 334 -23.37 21.76 12.73
CA LEU A 334 -22.40 21.21 13.65
C LEU A 334 -22.99 20.75 14.98
N PHE A 335 -24.16 21.26 15.40
CA PHE A 335 -24.72 20.96 16.73
C PHE A 335 -26.09 20.29 16.70
N ASN A 336 -26.62 19.93 15.53
CA ASN A 336 -27.89 19.23 15.44
C ASN A 336 -27.76 17.77 15.87
N PHE A 337 -27.41 17.53 17.13
CA PHE A 337 -27.13 16.19 17.64
C PHE A 337 -28.41 15.41 17.89
N THR A 338 -28.45 14.14 17.45
CA THR A 338 -29.51 13.23 17.87
C THR A 338 -29.18 12.65 19.23
N THR A 339 -30.21 12.11 19.90
CA THR A 339 -29.97 11.45 21.19
C THR A 339 -29.15 10.17 21.03
N GLN A 340 -29.16 9.55 19.85
CA GLN A 340 -28.25 8.44 19.54
C GLN A 340 -26.79 8.88 19.59
N GLU A 341 -26.48 10.02 18.94
CA GLU A 341 -25.12 10.57 18.98
C GLU A 341 -24.67 10.89 20.40
N LEU A 342 -25.57 11.35 21.25
CA LEU A 342 -25.22 11.77 22.61
C LEU A 342 -25.28 10.64 23.64
N SER A 343 -25.63 9.42 23.22
CA SER A 343 -25.87 8.33 24.15
C SER A 343 -24.66 8.01 25.02
N SER A 344 -23.45 8.04 24.44
CA SER A 344 -22.24 7.65 25.18
C SER A 344 -21.93 8.57 26.35
N ASN A 345 -22.35 9.85 26.29
CA ASN A 345 -22.07 10.82 27.35
C ASN A 345 -23.04 11.99 27.27
N PRO A 346 -24.30 11.82 27.66
CA PRO A 346 -25.34 12.85 27.44
C PRO A 346 -25.06 14.18 28.14
N PRO A 347 -24.48 14.20 29.35
CA PRO A 347 -24.10 15.52 29.92
C PRO A 347 -23.15 16.37 29.06
N LEU A 348 -22.51 15.82 28.03
CA LEU A 348 -21.74 16.67 27.11
C LEU A 348 -22.61 17.57 26.23
N ALA A 349 -23.93 17.35 26.17
CA ALA A 349 -24.83 18.26 25.46
C ALA A 349 -24.72 19.70 25.95
N THR A 350 -24.52 19.91 27.26
CA THR A 350 -24.42 21.27 27.81
C THR A 350 -23.19 22.01 27.30
N ILE A 351 -22.19 21.32 26.77
CA ILE A 351 -21.06 21.94 26.08
C ILE A 351 -21.20 21.84 24.56
N LEU A 352 -21.71 20.72 24.03
CA LEU A 352 -21.73 20.47 22.58
C LEU A 352 -22.78 21.31 21.84
N ILE A 353 -23.90 21.63 22.48
CA ILE A 353 -24.97 22.44 21.89
C ILE A 353 -24.99 23.77 22.64
N PRO A 354 -24.44 24.84 22.10
CA PRO A 354 -24.44 26.13 22.80
C PRO A 354 -25.83 26.74 22.83
N PRO A 355 -26.03 27.75 23.71
CA PRO A 355 -27.37 28.37 23.82
C PRO A 355 -28.03 28.73 22.49
N HIS A 356 -27.31 29.44 21.60
CA HIS A 356 -27.89 29.95 20.36
C HIS A 356 -28.42 28.85 19.44
N ALA A 357 -28.08 27.58 19.67
CA ALA A 357 -28.56 26.49 18.83
C ALA A 357 -29.79 25.77 19.36
N ARG A 358 -30.15 25.95 20.64
CA ARG A 358 -31.14 25.07 21.29
C ARG A 358 -32.56 25.24 20.73
N LYS B 11 16.08 -17.51 24.18
CA LYS B 11 17.51 -17.47 23.90
C LYS B 11 17.87 -18.43 22.75
N VAL B 12 17.67 -19.74 22.97
CA VAL B 12 17.86 -20.77 21.93
C VAL B 12 16.50 -21.37 21.62
N THR B 13 16.12 -21.35 20.34
CA THR B 13 14.90 -21.97 19.84
C THR B 13 15.27 -23.23 19.07
N THR B 14 14.58 -24.34 19.33
CA THR B 14 14.72 -25.57 18.57
C THR B 14 13.38 -25.97 17.98
N VAL B 15 13.36 -26.28 16.68
CA VAL B 15 12.14 -26.68 15.98
C VAL B 15 12.45 -27.94 15.16
N VAL B 16 11.40 -28.61 14.70
CA VAL B 16 11.57 -29.77 13.80
C VAL B 16 11.17 -29.29 12.40
N ALA B 17 12.16 -28.90 11.61
CA ALA B 17 11.93 -28.23 10.35
C ALA B 17 12.15 -29.15 9.17
N THR B 18 11.37 -28.96 8.13
CA THR B 18 11.39 -29.75 6.92
C THR B 18 12.25 -29.04 5.87
N PRO B 19 13.23 -29.71 5.25
CA PRO B 19 14.03 -29.03 4.22
C PRO B 19 13.22 -28.72 2.98
N GLY B 20 13.52 -27.56 2.36
CA GLY B 20 12.78 -27.13 1.19
C GLY B 20 12.98 -28.03 -0.03
N GLN B 21 14.23 -28.39 -0.31
CA GLN B 21 14.57 -29.41 -1.29
C GLN B 21 14.66 -30.78 -0.61
N GLY B 22 14.82 -31.83 -1.41
CA GLY B 22 14.76 -33.20 -0.93
C GLY B 22 13.35 -33.64 -0.59
N PRO B 23 13.19 -34.87 -0.10
CA PRO B 23 11.87 -35.35 0.32
C PRO B 23 11.57 -34.88 1.75
N ASP B 24 10.33 -35.10 2.18
CA ASP B 24 9.89 -34.66 3.51
C ASP B 24 10.57 -35.46 4.60
N ARG B 25 11.75 -35.02 5.05
CA ARG B 25 12.53 -35.72 6.07
C ARG B 25 12.95 -34.70 7.12
N PRO B 26 12.07 -34.38 8.07
CA PRO B 26 12.34 -33.24 8.96
C PRO B 26 13.52 -33.45 9.89
N GLN B 27 14.20 -32.34 10.19
CA GLN B 27 15.42 -32.29 10.97
C GLN B 27 15.23 -31.33 12.13
N GLU B 28 15.76 -31.69 13.31
CA GLU B 28 15.87 -30.71 14.38
C GLU B 28 16.81 -29.59 13.95
N VAL B 29 16.32 -28.35 14.05
CA VAL B 29 17.12 -27.18 13.75
C VAL B 29 17.05 -26.24 14.95
N SER B 30 18.20 -25.70 15.32
CA SER B 30 18.27 -24.79 16.45
C SER B 30 18.86 -23.47 15.95
N TYR B 31 18.20 -22.36 16.30
CA TYR B 31 18.71 -21.04 16.00
C TYR B 31 18.70 -20.17 17.25
N THR B 32 19.41 -19.04 17.16
CA THR B 32 19.53 -18.08 18.25
C THR B 32 19.66 -16.67 17.66
N ASP B 33 19.86 -15.68 18.55
CA ASP B 33 20.00 -14.26 18.18
C ASP B 33 18.80 -13.76 17.38
N THR B 34 17.60 -14.12 17.84
CA THR B 34 16.35 -13.85 17.15
C THR B 34 15.90 -12.42 17.42
N LYS B 35 15.79 -11.62 16.36
CA LYS B 35 15.31 -10.25 16.44
C LYS B 35 14.43 -9.98 15.21
N VAL B 36 13.50 -9.05 15.36
CA VAL B 36 12.55 -8.71 14.30
C VAL B 36 13.22 -7.71 13.37
N ILE B 37 13.30 -8.03 12.08
CA ILE B 37 13.85 -7.10 11.09
C ILE B 37 12.81 -6.59 10.12
N GLY B 38 11.58 -7.10 10.16
CA GLY B 38 10.53 -6.69 9.26
C GLY B 38 9.15 -7.06 9.78
N ASN B 39 8.19 -6.14 9.69
CA ASN B 39 6.81 -6.44 10.08
C ASN B 39 5.85 -5.64 9.19
N GLY B 40 5.44 -6.26 8.07
CA GLY B 40 4.68 -5.61 7.03
C GLY B 40 3.50 -6.42 6.54
N SER B 41 3.11 -6.16 5.28
CA SER B 41 2.03 -6.88 4.60
C SER B 41 2.51 -8.26 4.14
N PHE B 42 3.81 -8.37 3.88
CA PHE B 42 4.47 -9.66 3.67
C PHE B 42 4.39 -10.59 4.88
N GLY B 43 4.11 -10.07 6.07
CA GLY B 43 4.07 -10.87 7.28
C GLY B 43 5.07 -10.33 8.29
N VAL B 44 5.53 -11.15 9.24
CA VAL B 44 6.56 -10.77 10.20
C VAL B 44 7.85 -11.49 9.80
N VAL B 45 8.97 -10.76 9.79
CA VAL B 45 10.26 -11.35 9.41
C VAL B 45 11.30 -11.09 10.50
N TYR B 46 11.99 -12.16 10.91
CA TYR B 46 13.07 -12.15 11.86
C TYR B 46 14.39 -12.45 11.15
N GLN B 47 15.48 -12.11 11.82
CA GLN B 47 16.80 -12.62 11.51
C GLN B 47 17.24 -13.55 12.63
N ALA B 48 18.03 -14.57 12.29
CA ALA B 48 18.55 -15.46 13.33
C ALA B 48 19.80 -16.19 12.85
N LYS B 49 20.54 -16.72 13.81
CA LYS B 49 21.78 -17.44 13.56
C LYS B 49 21.55 -18.93 13.84
N LEU B 50 21.82 -19.77 12.83
CA LEU B 50 21.71 -21.22 12.99
C LEU B 50 22.83 -21.74 13.90
N CYS B 51 22.47 -22.62 14.86
CA CYS B 51 23.40 -23.03 15.90
C CYS B 51 24.54 -23.94 15.43
N ASP B 52 24.32 -24.78 14.42
CA ASP B 52 25.40 -25.68 14.00
C ASP B 52 26.45 -24.99 13.14
N SER B 53 26.05 -24.11 12.22
CA SER B 53 26.96 -23.49 11.27
C SER B 53 27.27 -22.02 11.57
N GLY B 54 26.57 -21.39 12.51
CA GLY B 54 26.67 -19.97 12.74
C GLY B 54 26.12 -19.10 11.63
N GLU B 55 25.42 -19.68 10.66
CA GLU B 55 24.99 -18.96 9.48
C GLU B 55 23.76 -18.11 9.78
N LEU B 56 23.69 -16.94 9.14
CA LEU B 56 22.54 -16.08 9.32
C LEU B 56 21.41 -16.53 8.41
N VAL B 57 20.19 -16.55 8.96
CA VAL B 57 18.96 -16.85 8.25
C VAL B 57 17.98 -15.72 8.52
N ALA B 58 17.13 -15.45 7.53
CA ALA B 58 15.89 -14.72 7.76
C ALA B 58 14.75 -15.71 7.85
N ILE B 59 13.83 -15.48 8.79
CA ILE B 59 12.65 -16.32 8.99
C ILE B 59 11.41 -15.48 8.72
N LYS B 60 10.65 -15.87 7.69
CA LYS B 60 9.41 -15.20 7.29
C LYS B 60 8.21 -16.00 7.82
N LYS B 61 7.34 -15.32 8.57
CA LYS B 61 6.25 -15.95 9.31
C LYS B 61 4.92 -15.34 8.87
N VAL B 62 4.02 -16.19 8.34
CA VAL B 62 2.70 -15.78 7.87
C VAL B 62 1.63 -16.67 8.48
N LEU B 63 0.44 -16.11 8.68
CA LEU B 63 -0.71 -16.88 9.14
C LEU B 63 -1.14 -17.87 8.07
N GLN B 64 -1.19 -19.17 8.40
CA GLN B 64 -1.56 -20.21 7.44
C GLN B 64 -2.61 -21.15 8.03
N ASP B 65 -3.84 -21.05 7.55
CA ASP B 65 -4.91 -22.00 7.83
C ASP B 65 -4.72 -23.26 6.99
N LYS B 66 -5.07 -24.43 7.56
CA LYS B 66 -4.79 -25.72 6.93
C LYS B 66 -5.72 -26.06 5.76
N ARG B 67 -6.83 -25.32 5.57
CA ARG B 67 -7.82 -25.63 4.53
C ARG B 67 -7.23 -25.56 3.13
N PHE B 68 -6.21 -24.72 2.92
CA PHE B 68 -5.52 -24.55 1.66
C PHE B 68 -4.04 -24.82 1.88
N LYS B 69 -3.36 -25.27 0.82
CA LYS B 69 -1.90 -25.33 0.81
C LYS B 69 -1.36 -23.93 0.58
N ASN B 70 -0.27 -23.59 1.27
CA ASN B 70 0.34 -22.28 1.08
C ASN B 70 0.97 -22.19 -0.32
N ARG B 71 0.52 -21.20 -1.10
CA ARG B 71 1.00 -21.06 -2.48
C ARG B 71 2.48 -20.70 -2.53
N GLU B 72 2.91 -19.78 -1.66
CA GLU B 72 4.32 -19.39 -1.60
C GLU B 72 5.21 -20.59 -1.29
N LEU B 73 4.81 -21.42 -0.31
CA LEU B 73 5.63 -22.59 0.05
C LEU B 73 5.73 -23.58 -1.11
N GLN B 74 4.58 -23.90 -1.73
CA GLN B 74 4.58 -24.75 -2.91
C GLN B 74 5.48 -24.20 -4.02
N ILE B 75 5.47 -22.88 -4.23
CA ILE B 75 6.35 -22.28 -5.25
C ILE B 75 7.82 -22.31 -4.82
N MET B 76 8.11 -21.93 -3.57
CA MET B 76 9.51 -21.85 -3.12
C MET B 76 10.23 -23.18 -3.24
N ARG B 77 9.57 -24.27 -2.84
CA ARG B 77 10.18 -25.60 -2.80
C ARG B 77 10.62 -26.11 -4.16
N LYS B 78 10.03 -25.60 -5.24
CA LYS B 78 10.49 -25.93 -6.60
C LYS B 78 11.81 -25.26 -6.94
N LEU B 79 12.04 -24.06 -6.43
CA LEU B 79 13.06 -23.15 -6.97
C LEU B 79 14.43 -23.40 -6.38
N ASP B 80 15.44 -23.48 -7.25
CA ASP B 80 16.84 -23.66 -6.89
C ASP B 80 17.65 -22.81 -7.87
N HIS B 81 17.94 -21.56 -7.49
CA HIS B 81 18.62 -20.63 -8.38
C HIS B 81 19.41 -19.61 -7.58
N CYS B 82 20.62 -19.30 -8.06
CA CYS B 82 21.58 -18.48 -7.31
C CYS B 82 21.11 -17.05 -7.15
N ASN B 83 20.34 -16.53 -8.11
CA ASN B 83 19.74 -15.21 -8.03
C ASN B 83 18.34 -15.23 -7.42
N ILE B 84 17.97 -16.27 -6.67
CA ILE B 84 16.73 -16.33 -5.91
C ILE B 84 17.04 -16.81 -4.50
N VAL B 85 16.46 -16.14 -3.50
CA VAL B 85 16.69 -16.51 -2.11
C VAL B 85 16.20 -17.95 -1.89
N ARG B 86 17.05 -18.76 -1.28
CA ARG B 86 16.79 -20.18 -1.10
C ARG B 86 15.99 -20.44 0.17
N LEU B 87 14.94 -21.26 0.03
CA LEU B 87 14.25 -21.80 1.19
C LEU B 87 15.09 -22.91 1.78
N ARG B 88 15.67 -22.67 2.95
CA ARG B 88 16.47 -23.69 3.62
C ARG B 88 15.58 -24.74 4.27
N TYR B 89 14.70 -24.29 5.16
CA TYR B 89 13.78 -25.15 5.88
C TYR B 89 12.42 -24.46 5.97
N PHE B 90 11.40 -25.23 6.34
CA PHE B 90 10.15 -24.63 6.82
C PHE B 90 9.62 -25.41 8.02
N PHE B 91 8.79 -24.73 8.83
CA PHE B 91 8.12 -25.37 9.97
C PHE B 91 6.85 -24.61 10.36
N TYR B 92 6.09 -25.21 11.29
CA TYR B 92 4.82 -24.68 11.78
C TYR B 92 4.94 -24.36 13.27
N SER B 93 4.24 -23.31 13.70
CA SER B 93 4.31 -22.79 15.08
C SER B 93 2.94 -22.21 15.45
N SER B 94 2.66 -22.12 16.76
CA SER B 94 1.39 -21.50 17.17
C SER B 94 1.54 -20.16 17.89
N GLU B 100 -4.61 -21.16 16.06
CA GLU B 100 -3.90 -20.04 15.46
C GLU B 100 -2.50 -20.49 14.96
N VAL B 101 -2.34 -20.76 13.67
CA VAL B 101 -1.19 -21.50 13.14
C VAL B 101 -0.43 -20.71 12.07
N TYR B 102 0.87 -20.52 12.29
CA TYR B 102 1.74 -19.76 11.41
C TYR B 102 2.72 -20.66 10.65
N LEU B 103 2.91 -20.36 9.37
CA LEU B 103 3.93 -21.00 8.55
C LEU B 103 5.23 -20.20 8.65
N ASN B 104 6.35 -20.91 8.81
CA ASN B 104 7.66 -20.30 8.99
C ASN B 104 8.61 -20.75 7.89
N LEU B 105 9.05 -19.82 7.06
CA LEU B 105 10.02 -20.09 6.00
C LEU B 105 11.38 -19.64 6.49
N VAL B 106 12.34 -20.56 6.57
CA VAL B 106 13.71 -20.22 6.94
C VAL B 106 14.49 -20.01 5.66
N LEU B 107 15.04 -18.81 5.48
CA LEU B 107 15.58 -18.40 4.20
C LEU B 107 17.01 -17.89 4.37
N ASP B 108 17.75 -17.91 3.28
CA ASP B 108 19.09 -17.34 3.31
C ASP B 108 18.99 -15.86 3.58
N TYR B 109 19.82 -15.39 4.51
CA TYR B 109 19.85 -13.97 4.84
C TYR B 109 20.63 -13.20 3.77
N VAL B 110 20.10 -12.04 3.40
CA VAL B 110 20.77 -11.15 2.45
C VAL B 110 20.75 -9.76 3.08
N PRO B 111 21.88 -9.06 3.15
CA PRO B 111 21.97 -7.87 4.03
C PRO B 111 21.40 -6.57 3.49
N GLU B 112 21.18 -6.41 2.18
CA GLU B 112 20.76 -5.14 1.61
C GLU B 112 19.63 -5.34 0.60
N THR B 113 19.09 -4.23 0.11
CA THR B 113 18.09 -4.23 -0.96
C THR B 113 18.45 -3.16 -1.99
N VAL B 114 17.94 -3.34 -3.21
CA VAL B 114 18.07 -2.32 -4.26
C VAL B 114 17.36 -1.03 -3.83
N TYR B 115 16.21 -1.15 -3.18
CA TYR B 115 15.51 0.01 -2.63
C TYR B 115 16.42 0.86 -1.75
N ARG B 116 17.07 0.24 -0.78
CA ARG B 116 17.92 1.00 0.16
C ARG B 116 19.16 1.55 -0.51
N VAL B 117 19.77 0.78 -1.41
CA VAL B 117 20.97 1.22 -2.13
C VAL B 117 20.65 2.41 -3.02
N ALA B 118 19.62 2.27 -3.87
CA ALA B 118 19.22 3.36 -4.76
C ALA B 118 18.99 4.63 -3.97
N ARG B 119 18.46 4.49 -2.75
CA ARG B 119 18.12 5.63 -1.89
C ARG B 119 19.35 6.30 -1.29
N HIS B 120 20.39 5.55 -0.92
CA HIS B 120 21.63 6.19 -0.50
C HIS B 120 22.11 7.15 -1.57
N TYR B 121 22.27 6.62 -2.79
CA TYR B 121 22.75 7.41 -3.91
C TYR B 121 21.88 8.64 -4.15
N SER B 122 20.56 8.45 -4.15
CA SER B 122 19.65 9.54 -4.44
C SER B 122 19.73 10.64 -3.38
N ARG B 123 19.66 10.28 -2.08
CA ARG B 123 19.77 11.27 -1.02
C ARG B 123 21.16 11.91 -0.94
N ALA B 124 22.19 11.26 -1.46
CA ALA B 124 23.51 11.85 -1.63
C ALA B 124 23.66 12.59 -2.95
N LYS B 125 22.57 12.74 -3.71
CA LYS B 125 22.56 13.42 -5.01
C LYS B 125 23.59 12.82 -5.98
N GLN B 126 23.70 11.50 -5.96
CA GLN B 126 24.70 10.77 -6.70
C GLN B 126 24.02 9.70 -7.56
N THR B 127 24.64 9.37 -8.69
CA THR B 127 24.16 8.30 -9.56
C THR B 127 24.69 6.94 -9.10
N LEU B 128 23.84 5.91 -9.16
CA LEU B 128 24.32 4.54 -8.95
C LEU B 128 25.12 4.10 -10.18
N PRO B 129 26.40 3.75 -10.05
CA PRO B 129 27.23 3.48 -11.25
C PRO B 129 26.67 2.42 -12.18
N VAL B 130 26.72 2.73 -13.49
CA VAL B 130 26.19 1.86 -14.53
C VAL B 130 26.70 0.42 -14.41
N ILE B 131 27.91 0.20 -13.88
CA ILE B 131 28.36 -1.17 -13.65
C ILE B 131 27.43 -1.91 -12.69
N TYR B 132 26.99 -1.24 -11.61
CA TYR B 132 26.05 -1.87 -10.70
C TYR B 132 24.66 -2.02 -11.30
N VAL B 133 24.25 -1.07 -12.16
CA VAL B 133 22.99 -1.19 -12.88
C VAL B 133 22.98 -2.45 -13.72
N LYS B 134 24.10 -2.74 -14.39
CA LYS B 134 24.22 -3.91 -15.26
C LYS B 134 24.18 -5.20 -14.45
N LEU B 135 25.04 -5.31 -13.43
CA LEU B 135 25.10 -6.49 -12.59
C LEU B 135 23.75 -6.84 -12.00
N TYR B 136 23.13 -5.87 -11.35
CA TYR B 136 21.88 -6.11 -10.63
C TYR B 136 20.75 -6.45 -11.59
N MET B 137 20.66 -5.78 -12.75
CA MET B 137 19.55 -6.02 -13.67
C MET B 137 19.71 -7.33 -14.44
N TYR B 138 20.92 -7.63 -14.91
CA TYR B 138 21.20 -8.93 -15.50
C TYR B 138 20.76 -10.04 -14.58
N GLN B 139 21.15 -9.96 -13.31
CA GLN B 139 20.79 -10.98 -12.34
C GLN B 139 19.28 -11.05 -12.13
N LEU B 140 18.60 -9.90 -12.16
CA LEU B 140 17.14 -9.91 -12.10
C LEU B 140 16.56 -10.65 -13.30
N PHE B 141 16.95 -10.25 -14.51
CA PHE B 141 16.37 -10.92 -15.67
C PHE B 141 16.64 -12.42 -15.61
N ARG B 142 17.84 -12.82 -15.23
CA ARG B 142 18.17 -14.24 -15.10
C ARG B 142 17.22 -14.95 -14.15
N SER B 143 16.92 -14.35 -13.00
CA SER B 143 15.97 -14.94 -12.05
C SER B 143 14.59 -15.06 -12.66
N LEU B 144 14.20 -14.09 -13.50
CA LEU B 144 12.92 -14.14 -14.21
C LEU B 144 12.87 -15.22 -15.28
N ALA B 145 13.92 -15.36 -16.08
CA ALA B 145 13.96 -16.43 -17.06
C ALA B 145 13.74 -17.79 -16.41
N TYR B 146 14.43 -18.02 -15.28
CA TYR B 146 14.27 -19.27 -14.52
C TYR B 146 12.84 -19.51 -14.08
N ILE B 147 12.23 -18.56 -13.36
CA ILE B 147 10.86 -18.82 -12.87
C ILE B 147 9.84 -18.84 -14.00
N HIS B 148 9.97 -17.95 -14.99
CA HIS B 148 9.05 -17.96 -16.14
C HIS B 148 9.12 -19.28 -16.91
N SER B 149 10.29 -19.91 -16.98
CA SER B 149 10.38 -21.23 -17.64
C SER B 149 9.45 -22.26 -17.00
N PHE B 150 9.08 -22.09 -15.73
CA PHE B 150 8.08 -22.91 -15.05
C PHE B 150 6.66 -22.37 -15.14
N GLY B 151 6.45 -21.25 -15.83
CA GLY B 151 5.17 -20.57 -15.80
C GLY B 151 4.85 -19.85 -14.50
N ILE B 152 5.84 -19.61 -13.64
CA ILE B 152 5.64 -18.86 -12.41
C ILE B 152 5.91 -17.39 -12.67
N CYS B 153 4.86 -16.58 -12.55
CA CYS B 153 4.97 -15.14 -12.59
C CYS B 153 5.05 -14.61 -11.16
N HIS B 154 6.01 -13.70 -10.92
CA HIS B 154 6.26 -13.15 -9.57
C HIS B 154 5.20 -12.14 -9.15
N ARG B 155 4.82 -11.23 -10.05
CA ARG B 155 3.74 -10.24 -9.89
C ARG B 155 3.97 -9.19 -8.80
N ASP B 156 5.22 -8.93 -8.40
CA ASP B 156 5.56 -7.89 -7.42
C ASP B 156 7.05 -7.61 -7.52
N ILE B 157 7.50 -7.39 -8.75
CA ILE B 157 8.89 -7.01 -9.03
C ILE B 157 9.02 -5.53 -8.73
N LYS B 158 9.82 -5.20 -7.71
CA LYS B 158 10.02 -3.83 -7.27
C LYS B 158 11.30 -3.78 -6.44
N PRO B 159 11.89 -2.60 -6.27
CA PRO B 159 13.19 -2.52 -5.56
C PRO B 159 13.27 -3.14 -4.16
N GLN B 160 12.21 -3.21 -3.35
CA GLN B 160 12.37 -3.78 -2.02
C GLN B 160 12.49 -5.30 -2.06
N ASN B 161 12.10 -5.95 -3.16
CA ASN B 161 12.16 -7.40 -3.30
C ASN B 161 13.43 -7.88 -3.99
N LEU B 162 14.35 -6.99 -4.29
CA LEU B 162 15.64 -7.30 -4.90
C LEU B 162 16.71 -7.14 -3.82
N LEU B 163 17.14 -8.25 -3.23
CA LEU B 163 18.12 -8.24 -2.15
C LEU B 163 19.55 -8.28 -2.69
N LEU B 164 20.47 -7.57 -2.00
CA LEU B 164 21.86 -7.44 -2.40
C LEU B 164 22.83 -7.82 -1.30
N ASP B 165 23.93 -8.47 -1.69
CA ASP B 165 25.16 -8.43 -0.91
C ASP B 165 26.04 -7.38 -1.58
N PRO B 166 26.37 -6.27 -0.91
CA PRO B 166 27.12 -5.21 -1.59
C PRO B 166 28.59 -5.53 -1.80
N ASP B 167 29.15 -6.50 -1.07
CA ASP B 167 30.54 -6.92 -1.24
C ASP B 167 30.72 -7.84 -2.44
N THR B 168 29.79 -8.75 -2.69
CA THR B 168 29.86 -9.67 -3.81
C THR B 168 29.06 -9.20 -5.03
N ALA B 169 28.23 -8.16 -4.87
CA ALA B 169 27.35 -7.64 -5.92
C ALA B 169 26.28 -8.65 -6.36
N VAL B 170 25.99 -9.65 -5.53
CA VAL B 170 25.01 -10.68 -5.87
C VAL B 170 23.61 -10.15 -5.62
N LEU B 171 22.70 -10.35 -6.57
CA LEU B 171 21.31 -10.00 -6.39
C LEU B 171 20.48 -11.27 -6.21
N LYS B 172 19.50 -11.22 -5.30
CA LYS B 172 18.59 -12.33 -5.05
C LYS B 172 17.15 -11.84 -4.98
N LEU B 173 16.32 -12.30 -5.92
CA LEU B 173 14.88 -12.04 -5.90
C LEU B 173 14.24 -12.73 -4.70
N CYS B 174 13.32 -12.04 -4.02
CA CYS B 174 12.66 -12.62 -2.85
C CYS B 174 11.16 -12.35 -2.90
N ASP B 175 10.46 -12.85 -1.87
CA ASP B 175 9.01 -12.72 -1.70
C ASP B 175 8.24 -13.33 -2.86
N PHE B 176 7.91 -14.61 -2.76
CA PHE B 176 6.98 -15.22 -3.70
C PHE B 176 5.57 -15.31 -3.13
N GLY B 177 5.20 -14.36 -2.24
CA GLY B 177 3.86 -14.29 -1.66
C GLY B 177 2.78 -13.75 -2.58
N SER B 178 3.15 -13.20 -3.72
CA SER B 178 2.20 -12.80 -4.76
C SER B 178 2.28 -13.69 -5.98
N ALA B 179 3.17 -14.68 -5.97
CA ALA B 179 3.51 -15.40 -7.18
C ALA B 179 2.39 -16.36 -7.55
N LYS B 180 2.21 -16.57 -8.84
CA LYS B 180 1.21 -17.49 -9.34
C LYS B 180 1.68 -18.15 -10.64
N GLN B 181 1.40 -19.44 -10.77
CA GLN B 181 1.56 -20.12 -12.05
C GLN B 181 0.41 -19.71 -12.96
N LEU B 182 0.68 -18.84 -13.93
CA LEU B 182 -0.32 -18.37 -14.88
C LEU B 182 -0.59 -19.45 -15.93
N VAL B 183 -1.86 -19.78 -16.18
CA VAL B 183 -2.22 -20.67 -17.28
C VAL B 183 -3.31 -20.03 -18.13
N ARG B 184 -3.09 -20.00 -19.45
CA ARG B 184 -4.01 -19.30 -20.34
C ARG B 184 -5.41 -19.89 -20.24
N GLY B 185 -6.41 -19.01 -20.27
CA GLY B 185 -7.79 -19.41 -20.06
C GLY B 185 -8.29 -19.16 -18.65
N GLU B 186 -7.44 -19.41 -17.65
CA GLU B 186 -7.78 -19.18 -16.25
C GLU B 186 -7.43 -17.75 -15.88
N PRO B 187 -8.42 -16.88 -15.68
CA PRO B 187 -8.11 -15.44 -15.50
C PRO B 187 -7.60 -15.13 -14.09
N ASN B 188 -6.96 -13.97 -13.97
CA ASN B 188 -6.39 -13.51 -12.70
C ASN B 188 -6.76 -12.05 -12.44
N VAL B 189 -6.52 -11.59 -11.20
CA VAL B 189 -6.88 -10.22 -10.78
C VAL B 189 -5.91 -9.18 -11.33
N SER B 190 -6.48 -8.04 -11.73
CA SER B 190 -5.79 -6.92 -12.38
C SER B 190 -4.90 -6.03 -11.48
N ILE B 192 -2.47 -5.83 -8.84
CA ILE B 192 -1.54 -6.81 -8.23
C ILE B 192 -0.04 -6.51 -8.02
N CYS B 193 0.53 -5.51 -8.69
CA CYS B 193 1.91 -5.15 -8.41
C CYS B 193 1.89 -3.89 -7.57
N SER B 194 3.08 -3.46 -7.13
CA SER B 194 3.21 -2.14 -6.52
C SER B 194 2.99 -1.09 -7.60
N ARG B 195 2.21 -0.04 -7.27
CA ARG B 195 1.67 0.87 -8.29
C ARG B 195 2.69 1.28 -9.35
N TYR B 196 3.84 1.79 -8.90
CA TYR B 196 4.82 2.39 -9.81
C TYR B 196 5.35 1.40 -10.83
N TYR B 197 5.35 0.12 -10.49
CA TYR B 197 5.95 -0.92 -11.32
C TYR B 197 4.90 -1.74 -12.06
N ARG B 198 3.65 -1.28 -12.04
CA ARG B 198 2.51 -2.02 -12.58
C ARG B 198 2.40 -1.83 -14.09
N ALA B 199 2.27 -2.95 -14.80
CA ALA B 199 2.20 -2.94 -16.26
C ALA B 199 0.90 -2.27 -16.73
N PRO B 200 0.95 -1.58 -17.88
CA PRO B 200 -0.26 -0.89 -18.35
C PRO B 200 -1.45 -1.81 -18.63
N GLU B 201 -1.24 -3.06 -19.07
CA GLU B 201 -2.37 -3.97 -19.24
C GLU B 201 -3.12 -4.17 -17.93
N LEU B 202 -2.38 -4.24 -16.82
CA LEU B 202 -3.01 -4.38 -15.51
C LEU B 202 -3.86 -3.17 -15.17
N ILE B 203 -3.31 -1.96 -15.33
CA ILE B 203 -4.08 -0.73 -15.14
C ILE B 203 -5.35 -0.76 -15.98
N PHE B 204 -5.24 -1.17 -17.25
CA PHE B 204 -6.39 -1.32 -18.15
C PHE B 204 -7.31 -2.48 -17.80
N GLY B 205 -7.05 -3.22 -16.74
CA GLY B 205 -7.98 -4.23 -16.26
C GLY B 205 -7.94 -5.52 -17.03
N ALA B 206 -6.79 -5.87 -17.60
CA ALA B 206 -6.58 -7.18 -18.18
C ALA B 206 -6.60 -8.22 -17.07
N THR B 207 -7.36 -9.29 -17.28
CA THR B 207 -7.33 -10.47 -16.44
C THR B 207 -6.63 -11.62 -17.13
N ASP B 208 -6.20 -11.42 -18.39
CA ASP B 208 -5.64 -12.44 -19.26
C ASP B 208 -4.15 -12.24 -19.47
N TYR B 209 -3.49 -11.57 -18.53
CA TYR B 209 -2.10 -11.13 -18.65
C TYR B 209 -1.12 -12.29 -18.50
N THR B 210 0.10 -12.05 -18.98
CA THR B 210 1.18 -13.01 -19.04
C THR B 210 2.31 -12.61 -18.07
N SER B 211 3.36 -13.44 -18.07
CA SER B 211 4.61 -13.14 -17.35
C SER B 211 5.30 -11.84 -17.79
N SER B 212 4.93 -11.27 -18.94
CA SER B 212 5.55 -10.01 -19.36
C SER B 212 5.27 -8.85 -18.41
N ILE B 213 4.30 -8.97 -17.52
CA ILE B 213 4.12 -7.95 -16.47
C ILE B 213 5.38 -7.83 -15.60
N ASP B 214 6.09 -8.95 -15.36
CA ASP B 214 7.35 -8.87 -14.62
C ASP B 214 8.42 -8.13 -15.41
N VAL B 215 8.43 -8.28 -16.73
CA VAL B 215 9.39 -7.59 -17.61
C VAL B 215 9.12 -6.09 -17.61
N TRP B 216 7.84 -5.67 -17.63
CA TRP B 216 7.55 -4.25 -17.47
C TRP B 216 8.09 -3.73 -16.16
N SER B 217 7.85 -4.48 -15.08
CA SER B 217 8.36 -4.11 -13.76
C SER B 217 9.89 -4.02 -13.75
N ALA B 218 10.56 -5.02 -14.32
CA ALA B 218 12.00 -4.95 -14.48
C ALA B 218 12.43 -3.66 -15.18
N GLY B 219 11.79 -3.30 -16.29
CA GLY B 219 12.12 -2.05 -16.97
C GLY B 219 12.00 -0.83 -16.08
N CYS B 220 10.90 -0.75 -15.31
CA CYS B 220 10.69 0.36 -14.38
C CYS B 220 11.79 0.44 -13.33
N VAL B 221 12.34 -0.72 -12.93
CA VAL B 221 13.49 -0.72 -12.01
C VAL B 221 14.73 -0.22 -12.72
N LEU B 222 15.00 -0.74 -13.92
CA LEU B 222 16.13 -0.27 -14.72
C LEU B 222 16.10 1.24 -14.88
N ALA B 223 14.98 1.79 -15.36
CA ALA B 223 14.89 3.22 -15.59
C ALA B 223 15.10 3.99 -14.29
N GLU B 224 14.49 3.51 -13.21
CA GLU B 224 14.61 4.15 -11.91
C GLU B 224 16.06 4.24 -11.46
N LEU B 225 16.86 3.20 -11.71
CA LEU B 225 18.26 3.21 -11.31
C LEU B 225 19.09 4.19 -12.15
N LEU B 226 18.74 4.38 -13.43
CA LEU B 226 19.37 5.39 -14.27
C LEU B 226 18.95 6.80 -13.92
N LEU B 227 17.66 7.01 -13.61
CA LEU B 227 17.13 8.35 -13.31
C LEU B 227 17.39 8.82 -11.89
N GLY B 228 17.58 7.91 -10.95
CA GLY B 228 17.67 8.28 -9.55
C GLY B 228 16.33 8.39 -8.86
N GLN B 229 15.23 8.13 -9.57
CA GLN B 229 13.88 8.27 -9.02
C GLN B 229 12.93 7.47 -9.92
N PRO B 230 11.77 7.05 -9.38
CA PRO B 230 10.84 6.23 -10.18
C PRO B 230 10.38 6.98 -11.43
N ILE B 231 10.33 6.25 -12.56
CA ILE B 231 9.93 6.87 -13.83
C ILE B 231 8.44 7.17 -13.90
N PHE B 232 7.57 6.35 -13.29
CA PHE B 232 6.12 6.56 -13.30
C PHE B 232 5.59 6.67 -11.88
N PRO B 233 5.84 7.83 -11.20
CA PRO B 233 5.40 8.01 -9.80
C PRO B 233 3.93 8.43 -9.73
N GLY B 234 3.07 7.44 -9.91
CA GLY B 234 1.64 7.70 -9.98
C GLY B 234 1.06 8.15 -8.66
N ASP B 235 0.24 9.20 -8.72
CA ASP B 235 -0.43 9.75 -7.54
C ASP B 235 -1.51 8.80 -7.04
N SER B 236 -2.11 8.03 -7.94
CA SER B 236 -3.20 7.11 -7.64
C SER B 236 -3.19 6.00 -8.69
N GLY B 237 -4.07 5.02 -8.48
CA GLY B 237 -4.23 3.96 -9.47
C GLY B 237 -4.50 4.47 -10.87
N VAL B 238 -5.25 5.57 -10.99
CA VAL B 238 -5.61 6.15 -12.30
C VAL B 238 -4.51 7.08 -12.82
N ASP B 239 -3.87 7.85 -11.94
CA ASP B 239 -2.79 8.72 -12.37
C ASP B 239 -1.57 7.93 -12.80
N GLN B 240 -1.45 6.66 -12.36
CA GLN B 240 -0.35 5.81 -12.82
C GLN B 240 -0.31 5.71 -14.33
N LEU B 241 -1.49 5.68 -14.98
CA LEU B 241 -1.50 5.69 -16.44
C LEU B 241 -1.17 7.06 -17.01
N VAL B 242 -1.61 8.15 -16.36
CA VAL B 242 -1.28 9.48 -16.85
C VAL B 242 0.22 9.65 -16.94
N GLU B 243 0.95 9.10 -15.97
CA GLU B 243 2.42 9.19 -15.92
C GLU B 243 3.09 8.37 -17.00
N ILE B 244 2.51 7.21 -17.35
CA ILE B 244 3.02 6.40 -18.45
C ILE B 244 2.79 7.10 -19.77
N ILE B 245 1.63 7.74 -19.94
CA ILE B 245 1.31 8.44 -21.19
C ILE B 245 2.34 9.53 -21.47
N LYS B 246 2.79 10.23 -20.42
CA LYS B 246 3.78 11.30 -20.56
C LYS B 246 5.00 10.86 -21.35
N VAL B 247 5.56 9.70 -21.00
CA VAL B 247 6.74 9.20 -21.67
C VAL B 247 6.35 8.52 -22.98
N LEU B 248 5.61 7.41 -22.90
CA LEU B 248 5.34 6.58 -24.06
C LEU B 248 4.35 7.19 -25.04
N GLY B 249 3.59 8.20 -24.63
CA GLY B 249 2.51 8.71 -25.45
C GLY B 249 1.22 7.93 -25.20
N THR B 250 0.16 8.39 -25.84
CA THR B 250 -1.11 7.69 -25.74
C THR B 250 -1.03 6.37 -26.52
N PRO B 251 -1.50 5.26 -25.94
CA PRO B 251 -1.46 3.99 -26.68
C PRO B 251 -2.49 4.00 -27.79
N THR B 252 -2.11 3.39 -28.93
CA THR B 252 -3.00 3.30 -30.07
C THR B 252 -4.17 2.34 -29.77
N ARG B 253 -5.23 2.44 -30.60
CA ARG B 253 -6.30 1.46 -30.55
C ARG B 253 -5.75 0.06 -30.66
N GLU B 254 -4.76 -0.12 -31.54
CA GLU B 254 -4.12 -1.42 -31.74
C GLU B 254 -3.40 -1.88 -30.47
N GLN B 255 -2.68 -0.98 -29.80
CA GLN B 255 -1.98 -1.31 -28.55
C GLN B 255 -2.95 -1.58 -27.41
N ILE B 256 -4.02 -0.78 -27.30
CA ILE B 256 -5.01 -0.97 -26.22
C ILE B 256 -5.69 -2.33 -26.34
N ARG B 257 -5.97 -2.75 -27.57
CA ARG B 257 -6.59 -4.07 -27.77
C ARG B 257 -5.68 -5.19 -27.29
N GLU B 258 -4.37 -5.08 -27.52
CA GLU B 258 -3.43 -6.11 -27.10
C GLU B 258 -3.21 -6.15 -25.60
N MET B 259 -3.31 -5.00 -24.91
CA MET B 259 -3.19 -4.99 -23.45
C MET B 259 -4.42 -5.63 -22.81
N ASN B 260 -5.61 -5.26 -23.27
CA ASN B 260 -6.88 -5.77 -22.75
C ASN B 260 -7.89 -5.76 -23.90
N PRO B 261 -8.17 -6.93 -24.49
CA PRO B 261 -9.20 -7.00 -25.57
C PRO B 261 -10.60 -6.53 -25.19
N ASN B 262 -11.03 -6.66 -23.93
CA ASN B 262 -12.38 -6.24 -23.52
C ASN B 262 -12.52 -4.73 -23.47
N TYR B 263 -11.43 -4.01 -23.25
CA TYR B 263 -11.46 -2.56 -23.04
C TYR B 263 -11.85 -1.80 -24.29
N THR B 264 -13.15 -1.64 -24.53
CA THR B 264 -13.68 -1.01 -25.73
C THR B 264 -13.99 0.47 -25.47
N GLU B 265 -13.70 1.30 -26.47
CA GLU B 265 -14.14 2.69 -26.51
C GLU B 265 -14.39 3.13 -27.95
N PRO B 269 -7.94 11.26 -27.18
CA PRO B 269 -7.34 11.60 -25.88
C PRO B 269 -5.84 11.95 -25.95
N GLN B 270 -5.39 12.43 -27.12
CA GLN B 270 -3.96 12.38 -27.50
C GLN B 270 -2.98 13.16 -26.63
N ILE B 271 -1.79 12.55 -26.48
CA ILE B 271 -0.58 13.12 -25.92
C ILE B 271 0.59 12.44 -26.64
N LYS B 272 1.55 13.21 -27.14
CA LYS B 272 2.64 12.67 -27.96
C LYS B 272 3.72 12.01 -27.11
N ALA B 273 4.41 11.03 -27.72
CA ALA B 273 5.51 10.36 -27.06
C ALA B 273 6.71 11.30 -26.88
N HIS B 274 7.25 11.33 -25.67
CA HIS B 274 8.44 12.09 -25.34
C HIS B 274 9.68 11.23 -25.62
N PRO B 275 10.60 11.64 -26.51
CA PRO B 275 11.68 10.75 -26.98
C PRO B 275 12.50 10.11 -25.86
N TRP B 276 12.93 8.85 -26.10
CA TRP B 276 13.59 8.06 -25.05
C TRP B 276 14.93 8.65 -24.61
N THR B 277 15.67 9.28 -25.51
CA THR B 277 16.93 9.90 -25.10
C THR B 277 16.71 11.03 -24.10
N LYS B 278 15.72 11.90 -24.35
CA LYS B 278 15.44 13.05 -23.51
C LYS B 278 14.78 12.71 -22.18
N VAL B 279 14.42 11.44 -21.93
CA VAL B 279 13.93 11.03 -20.62
C VAL B 279 15.07 11.05 -19.59
N PHE B 280 16.21 10.49 -19.95
CA PHE B 280 17.34 10.32 -19.05
C PHE B 280 18.35 11.47 -19.16
N ARG B 281 19.36 11.43 -18.29
CA ARG B 281 20.44 12.41 -18.32
C ARG B 281 21.23 12.30 -19.62
N PRO B 282 21.86 13.39 -20.06
CA PRO B 282 22.67 13.34 -21.31
C PRO B 282 23.70 12.22 -21.39
N ARG B 283 24.41 11.88 -20.31
CA ARG B 283 25.49 10.92 -20.39
C ARG B 283 25.03 9.46 -20.28
N THR B 284 23.72 9.18 -20.30
CA THR B 284 23.23 7.78 -20.20
C THR B 284 23.62 6.94 -21.43
N PRO B 285 24.23 5.77 -21.23
CA PRO B 285 24.65 4.93 -22.37
C PRO B 285 23.48 4.60 -23.29
N PRO B 286 23.64 4.85 -24.61
CA PRO B 286 22.55 4.53 -25.56
C PRO B 286 22.01 3.13 -25.42
N GLU B 287 22.90 2.14 -25.21
CA GLU B 287 22.51 0.75 -25.01
C GLU B 287 21.55 0.59 -23.83
N ALA B 288 21.74 1.35 -22.75
CA ALA B 288 20.78 1.33 -21.64
C ALA B 288 19.41 1.83 -22.07
N ILE B 289 19.41 2.94 -22.82
CA ILE B 289 18.18 3.53 -23.35
C ILE B 289 17.47 2.56 -24.28
N ALA B 290 18.21 1.92 -25.18
CA ALA B 290 17.63 0.93 -26.09
C ALA B 290 16.95 -0.19 -25.33
N LEU B 291 17.54 -0.60 -24.20
CA LEU B 291 16.97 -1.67 -23.40
C LEU B 291 15.64 -1.25 -22.77
N CYS B 292 15.58 -0.05 -22.19
CA CYS B 292 14.32 0.48 -21.67
C CYS B 292 13.19 0.46 -22.70
N SER B 293 13.49 0.87 -23.93
CA SER B 293 12.44 0.94 -24.97
C SER B 293 11.94 -0.44 -25.36
N ARG B 294 12.76 -1.48 -25.24
CA ARG B 294 12.35 -2.83 -25.61
C ARG B 294 11.71 -3.59 -24.44
N LEU B 295 11.70 -3.01 -23.24
CA LEU B 295 11.02 -3.54 -22.07
C LEU B 295 9.72 -2.81 -21.78
N LEU B 296 9.76 -1.47 -21.78
CA LEU B 296 8.61 -0.64 -21.47
C LEU B 296 7.83 -0.30 -22.75
N GLU B 297 7.37 -1.37 -23.42
CA GLU B 297 6.45 -1.29 -24.56
C GLU B 297 5.02 -1.41 -24.06
N TYR B 298 4.06 -0.81 -24.78
CA TYR B 298 2.65 -1.02 -24.44
C TYR B 298 2.17 -2.43 -24.76
N THR B 299 2.46 -2.95 -25.95
CA THR B 299 1.92 -4.27 -26.33
C THR B 299 2.75 -5.35 -25.62
N PRO B 300 2.13 -6.15 -24.73
CA PRO B 300 2.90 -7.08 -23.88
C PRO B 300 3.84 -8.03 -24.59
N THR B 301 3.40 -8.62 -25.72
CA THR B 301 4.15 -9.58 -26.51
C THR B 301 5.33 -8.97 -27.25
N ALA B 302 5.40 -7.64 -27.35
CA ALA B 302 6.53 -7.00 -28.01
C ALA B 302 7.74 -6.86 -27.09
N ARG B 303 7.50 -6.86 -25.77
CA ARG B 303 8.56 -6.69 -24.79
C ARG B 303 9.56 -7.83 -24.88
N LEU B 304 10.81 -7.53 -24.55
CA LEU B 304 11.81 -8.58 -24.51
C LEU B 304 11.40 -9.65 -23.51
N THR B 305 11.86 -10.87 -23.77
CA THR B 305 11.81 -11.93 -22.77
C THR B 305 13.01 -11.76 -21.83
N PRO B 306 12.91 -12.27 -20.59
CA PRO B 306 14.06 -12.19 -19.66
C PRO B 306 15.39 -12.70 -20.22
N LEU B 307 15.39 -13.74 -21.05
CA LEU B 307 16.62 -14.22 -21.66
C LEU B 307 17.12 -13.29 -22.76
N GLU B 308 16.23 -12.86 -23.65
CA GLU B 308 16.58 -11.84 -24.63
C GLU B 308 17.18 -10.62 -23.96
N ALA B 309 16.57 -10.18 -22.84
CA ALA B 309 17.09 -9.05 -22.08
C ALA B 309 18.51 -9.33 -21.59
N CYS B 310 18.74 -10.50 -20.99
CA CYS B 310 20.07 -10.89 -20.54
C CYS B 310 21.09 -10.83 -21.66
N ALA B 311 20.68 -11.17 -22.88
CA ALA B 311 21.56 -11.13 -24.04
C ALA B 311 21.61 -9.78 -24.74
N HIS B 312 20.99 -8.74 -24.18
CA HIS B 312 21.03 -7.40 -24.76
C HIS B 312 22.40 -6.76 -24.57
N SER B 313 22.80 -5.93 -25.56
CA SER B 313 24.18 -5.45 -25.63
C SER B 313 24.56 -4.57 -24.45
N PHE B 314 23.59 -3.93 -23.81
CA PHE B 314 23.79 -3.25 -22.53
C PHE B 314 24.60 -4.08 -21.55
N PHE B 315 24.40 -5.40 -21.52
CA PHE B 315 25.13 -6.27 -20.61
C PHE B 315 26.42 -6.84 -21.20
N ASP B 316 26.92 -6.32 -22.32
CA ASP B 316 28.15 -6.85 -22.91
C ASP B 316 29.35 -6.70 -21.98
N GLU B 317 29.41 -5.60 -21.21
CA GLU B 317 30.51 -5.41 -20.25
C GLU B 317 30.60 -6.55 -19.26
N LEU B 318 29.47 -7.12 -18.86
CA LEU B 318 29.51 -8.25 -17.94
C LEU B 318 30.10 -9.51 -18.58
N ARG B 319 30.08 -9.62 -19.92
CA ARG B 319 30.69 -10.73 -20.63
C ARG B 319 32.14 -10.49 -21.00
N ASP B 320 32.64 -9.26 -20.82
CA ASP B 320 34.07 -8.97 -20.97
C ASP B 320 34.89 -9.85 -20.00
N PRO B 321 35.96 -10.50 -20.48
CA PRO B 321 36.81 -11.28 -19.56
C PRO B 321 37.51 -10.45 -18.50
N ASN B 322 37.86 -9.19 -18.81
CA ASN B 322 38.60 -8.32 -17.91
C ASN B 322 37.75 -7.67 -16.83
N VAL B 323 36.42 -7.69 -16.93
CA VAL B 323 35.56 -6.95 -16.02
C VAL B 323 35.76 -7.37 -14.57
N LYS B 324 35.73 -6.39 -13.67
CA LYS B 324 35.79 -6.63 -12.24
C LYS B 324 34.82 -5.67 -11.53
N LEU B 325 34.69 -5.88 -10.23
CA LEU B 325 33.92 -4.97 -9.37
C LEU B 325 34.80 -3.80 -8.94
N PRO B 326 34.20 -2.63 -8.69
CA PRO B 326 34.98 -1.48 -8.17
C PRO B 326 35.75 -1.74 -6.88
N ASN B 327 35.29 -2.66 -6.03
CA ASN B 327 36.02 -3.03 -4.81
C ASN B 327 37.19 -3.96 -5.08
N GLY B 328 37.41 -4.36 -6.33
CA GLY B 328 38.56 -5.15 -6.73
C GLY B 328 38.28 -6.62 -6.98
N ARG B 329 37.20 -7.15 -6.41
CA ARG B 329 36.84 -8.56 -6.53
C ARG B 329 36.32 -8.87 -7.94
N ASP B 330 36.21 -10.16 -8.27
CA ASP B 330 35.66 -10.58 -9.56
C ASP B 330 34.14 -10.52 -9.53
N THR B 331 33.53 -10.53 -10.73
CA THR B 331 32.06 -10.54 -10.79
C THR B 331 31.53 -11.86 -10.25
N PRO B 332 30.28 -11.88 -9.79
CA PRO B 332 29.68 -13.16 -9.36
C PRO B 332 29.48 -14.12 -10.52
N ALA B 333 28.86 -15.28 -10.25
CA ALA B 333 28.56 -16.27 -11.28
C ALA B 333 27.45 -15.74 -12.17
N LEU B 334 27.81 -15.38 -13.41
CA LEU B 334 26.86 -14.79 -14.34
C LEU B 334 26.50 -15.66 -15.54
N PHE B 335 27.33 -16.65 -15.93
CA PHE B 335 27.09 -17.43 -17.15
C PHE B 335 26.93 -18.93 -16.92
N ASN B 336 26.89 -19.39 -15.67
CA ASN B 336 26.67 -20.80 -15.39
C ASN B 336 25.22 -21.23 -15.62
N PHE B 337 24.75 -21.14 -16.87
CA PHE B 337 23.35 -21.39 -17.20
C PHE B 337 23.03 -22.88 -17.24
N THR B 338 21.91 -23.28 -16.63
CA THR B 338 21.39 -24.62 -16.83
C THR B 338 20.57 -24.66 -18.13
N THR B 339 20.36 -25.88 -18.66
CA THR B 339 19.52 -26.00 -19.84
C THR B 339 18.07 -25.66 -19.56
N GLN B 340 17.63 -25.76 -18.29
CA GLN B 340 16.31 -25.27 -17.89
C GLN B 340 16.19 -23.76 -18.08
N GLU B 341 17.20 -23.00 -17.63
CA GLU B 341 17.24 -21.55 -17.83
C GLU B 341 17.19 -21.17 -19.30
N LEU B 342 17.84 -21.95 -20.16
CA LEU B 342 17.96 -21.64 -21.58
C LEU B 342 16.81 -22.18 -22.42
N SER B 343 15.84 -22.85 -21.81
CA SER B 343 14.80 -23.56 -22.56
C SER B 343 14.01 -22.67 -23.51
N SER B 344 13.68 -21.43 -23.09
CA SER B 344 12.84 -20.56 -23.94
C SER B 344 13.50 -20.19 -25.26
N ASN B 345 14.85 -20.17 -25.33
CA ASN B 345 15.57 -19.80 -26.54
C ASN B 345 17.02 -20.31 -26.45
N PRO B 346 17.26 -21.60 -26.63
CA PRO B 346 18.60 -22.19 -26.37
C PRO B 346 19.72 -21.63 -27.25
N PRO B 347 19.47 -21.31 -28.53
CA PRO B 347 20.54 -20.63 -29.29
C PRO B 347 21.06 -19.30 -28.70
N LEU B 348 20.40 -18.72 -27.69
CA LEU B 348 21.00 -17.56 -27.01
C LEU B 348 22.23 -17.91 -26.18
N ALA B 349 22.51 -19.20 -25.97
CA ALA B 349 23.76 -19.62 -25.32
C ALA B 349 25.00 -19.08 -26.01
N THR B 350 24.99 -19.00 -27.35
CA THR B 350 26.16 -18.49 -28.08
C THR B 350 26.44 -17.02 -27.81
N ILE B 351 25.47 -16.28 -27.29
CA ILE B 351 25.71 -14.92 -26.80
C ILE B 351 25.83 -14.87 -25.28
N LEU B 352 25.02 -15.66 -24.54
CA LEU B 352 24.97 -15.58 -23.08
C LEU B 352 26.20 -16.14 -22.38
N ILE B 353 26.85 -17.15 -22.95
CA ILE B 353 28.05 -17.77 -22.41
C ILE B 353 29.21 -17.43 -23.35
N PRO B 354 30.05 -16.45 -23.04
CA PRO B 354 31.16 -16.10 -23.93
C PRO B 354 32.23 -17.16 -23.93
N PRO B 355 33.14 -17.11 -24.92
CA PRO B 355 34.21 -18.15 -25.00
C PRO B 355 34.92 -18.43 -23.69
N HIS B 356 35.40 -17.39 -22.97
CA HIS B 356 36.21 -17.58 -21.78
C HIS B 356 35.50 -18.34 -20.67
N ALA B 357 34.19 -18.52 -20.74
CA ALA B 357 33.43 -19.23 -19.71
C ALA B 357 33.17 -20.71 -20.02
N ARG B 358 33.34 -21.15 -21.26
CA ARG B 358 32.80 -22.46 -21.68
C ARG B 358 33.50 -23.66 -21.02
#